data_5U7L
#
_entry.id   5U7L
#
_cell.length_a   168.021
_cell.length_b   73.922
_cell.length_c   92.136
_cell.angle_alpha   90.000
_cell.angle_beta   109.510
_cell.angle_gamma   90.000
#
_symmetry.space_group_name_H-M   'C 1 2 1'
#
loop_
_entity.id
_entity.type
_entity.pdbx_description
1 polymer "cGMP-dependent 3',5'-cyclic phosphodiesterase"
2 non-polymer (3R)-1-{3-[5-(4-ethylphenyl)-1-methyl-1H-pyrazol-4-yl]-1-methyl-1H-pyrazolo[3,4-d]pyrimidin-4-yl}-N,N-dimethylpyrrolidin-3-amine
3 non-polymer 'ZINC ION'
4 non-polymer 'MAGNESIUM ION'
5 water water
#
_entity_poly.entity_id   1
_entity_poly.type   'polypeptide(L)'
_entity_poly.pdbx_seq_one_letter_code
;GSAMDDEYTKLLHDGIQPVAAIDSNFASFTYTPRSLPEDDTSMAILSMLQDMNFINNYKIDCPTLARFCLMVKKGYRDPP
YHNWMHAFSVSHFCYLLYKNLELTNYLEDIEIFALFISCMCHDLDHRGTNNSFQVASKSVLAALYSSEGSVMERHHFAQA
IAILNTHGCNIFDHFSRKDYQRMLDLMRDIILATDLAHHLRIFKDLQKMAEVGYDRNNKQHHRLLLCLLMTSCDLSDQTK
GWKTTRKIAELIYKEFFSQGDLEKAMGNRPMEMMDREKAYIPELQISFMEHIAMPIYKLLQDLFPKAAELYERVASNREH
WTKVSHKFTIRGLPSNNSLDFLDEE
;
_entity_poly.pdbx_strand_id   A,B,C
#
loop_
_chem_comp.id
_chem_comp.type
_chem_comp.name
_chem_comp.formula
7Y4 non-polymer (3R)-1-{3-[5-(4-ethylphenyl)-1-methyl-1H-pyrazol-4-yl]-1-methyl-1H-pyrazolo[3,4-d]pyrimidin-4-yl}-N,N-dimethylpyrrolidin-3-amine 'C24 H30 N8'
MG non-polymer 'MAGNESIUM ION' 'Mg 2'
ZN non-polymer 'ZINC ION' 'Zn 2'
#
# COMPACT_ATOMS: atom_id res chain seq x y z
N ASP A 5 6.98 2.41 21.14
CA ASP A 5 5.81 3.29 21.46
C ASP A 5 5.55 3.27 22.95
N ASP A 6 4.67 4.17 23.37
CA ASP A 6 4.29 4.27 24.78
C ASP A 6 3.17 3.29 25.16
N GLU A 7 2.29 2.98 24.19
CA GLU A 7 1.28 1.93 24.33
C GLU A 7 1.95 0.60 24.59
N TYR A 8 3.01 0.37 23.82
CA TYR A 8 3.82 -0.82 23.91
C TYR A 8 4.48 -1.00 25.30
N THR A 9 5.01 0.10 25.84
CA THR A 9 5.49 0.16 27.21
C THR A 9 4.47 -0.32 28.25
N LYS A 10 3.31 0.34 28.27
CA LYS A 10 2.23 0.04 29.21
C LYS A 10 1.67 -1.38 29.13
N LEU A 11 1.55 -1.91 27.92
CA LEU A 11 1.06 -3.27 27.82
C LEU A 11 2.12 -4.22 28.35
N LEU A 12 3.37 -3.95 28.04
CA LEU A 12 4.43 -4.88 28.44
C LEU A 12 4.81 -4.87 29.94
N HIS A 13 4.50 -3.81 30.68
CA HIS A 13 4.93 -3.74 32.08
C HIS A 13 3.87 -3.73 33.21
N ASP A 14 2.60 -3.49 32.87
CA ASP A 14 1.58 -3.19 33.88
C ASP A 14 0.88 -4.40 34.46
N GLY A 15 0.72 -5.43 33.63
CA GLY A 15 0.02 -6.64 34.07
C GLY A 15 -1.32 -6.83 33.37
N ILE A 16 -1.76 -8.08 33.29
CA ILE A 16 -2.99 -8.41 32.58
C ILE A 16 -4.18 -8.25 33.54
N GLN A 17 -4.91 -7.17 33.36
CA GLN A 17 -6.11 -6.92 34.14
C GLN A 17 -7.11 -8.09 34.07
N PRO A 18 -7.62 -8.54 35.24
CA PRO A 18 -8.69 -9.52 35.16
C PRO A 18 -9.97 -8.91 34.54
N VAL A 19 -10.84 -9.75 34.01
CA VAL A 19 -11.90 -9.28 33.14
C VAL A 19 -13.01 -8.46 33.86
N ALA A 20 -13.39 -8.92 35.05
CA ALA A 20 -14.43 -8.29 35.86
C ALA A 20 -14.15 -6.80 36.10
N ALA A 21 -12.89 -6.42 36.02
CA ALA A 21 -12.46 -5.10 36.40
C ALA A 21 -12.67 -4.16 35.25
N ILE A 22 -12.99 -4.71 34.10
CA ILE A 22 -13.24 -3.87 32.94
C ILE A 22 -14.69 -3.38 32.98
N ASP A 23 -15.58 -4.28 33.35
CA ASP A 23 -16.99 -3.99 33.46
C ASP A 23 -17.67 -5.22 34.03
N SER A 24 -18.60 -4.98 34.94
CA SER A 24 -19.26 -6.10 35.60
C SER A 24 -20.16 -6.82 34.60
N ASN A 25 -20.40 -6.17 33.45
CA ASN A 25 -21.27 -6.72 32.42
C ASN A 25 -20.52 -7.29 31.19
N PHE A 26 -19.20 -7.38 31.29
CA PHE A 26 -18.31 -7.60 30.13
C PHE A 26 -18.60 -8.87 29.31
N ALA A 27 -18.97 -9.97 29.98
CA ALA A 27 -19.31 -11.28 29.36
C ALA A 27 -20.79 -11.46 28.98
N SER A 28 -21.56 -10.37 29.01
CA SER A 28 -22.97 -10.40 28.65
C SER A 28 -23.26 -9.96 27.20
N PHE A 29 -24.34 -10.47 26.61
CA PHE A 29 -24.68 -10.10 25.24
C PHE A 29 -25.15 -8.65 25.17
N THR A 30 -25.56 -8.07 26.28
CA THR A 30 -26.09 -6.71 26.24
C THR A 30 -24.95 -5.71 26.32
N TYR A 31 -23.72 -6.18 26.52
CA TYR A 31 -22.55 -5.30 26.56
C TYR A 31 -22.14 -4.69 25.19
N THR A 32 -21.85 -3.38 25.17
CA THR A 32 -21.42 -2.70 23.95
C THR A 32 -19.94 -2.41 23.94
N PRO A 33 -19.17 -3.27 23.27
CA PRO A 33 -17.72 -3.10 23.27
C PRO A 33 -17.23 -1.77 22.67
N ARG A 34 -18.02 -1.13 21.81
CA ARG A 34 -17.66 0.22 21.35
C ARG A 34 -17.71 1.33 22.41
N SER A 35 -18.16 1.02 23.62
CA SER A 35 -18.11 1.96 24.74
C SER A 35 -16.69 2.02 25.31
N LEU A 36 -15.89 1.01 25.02
CA LEU A 36 -14.58 0.96 25.60
C LEU A 36 -13.67 1.96 24.87
N PRO A 37 -13.06 2.90 25.61
CA PRO A 37 -12.17 3.86 24.94
C PRO A 37 -11.12 3.09 24.15
N GLU A 38 -10.87 3.53 22.93
CA GLU A 38 -9.96 2.82 22.05
C GLU A 38 -8.61 2.46 22.71
N ASP A 39 -8.22 3.25 23.71
CA ASP A 39 -6.93 3.12 24.39
C ASP A 39 -6.86 1.91 25.35
N ASP A 40 -8.01 1.40 25.76
CA ASP A 40 -8.05 0.22 26.64
C ASP A 40 -8.17 -1.12 25.91
N THR A 41 -8.42 -1.09 24.60
CA THR A 41 -8.74 -2.33 23.86
C THR A 41 -7.65 -3.39 23.69
N SER A 42 -6.39 -3.01 23.57
CA SER A 42 -5.34 -4.03 23.55
C SER A 42 -5.23 -4.74 24.86
N MET A 43 -5.40 -3.99 25.94
CA MET A 43 -5.50 -4.61 27.25
C MET A 43 -6.60 -5.66 27.31
N ALA A 44 -7.78 -5.27 26.86
CA ALA A 44 -8.94 -6.15 26.86
C ALA A 44 -8.71 -7.44 26.06
N ILE A 45 -8.04 -7.32 24.93
CA ILE A 45 -7.75 -8.49 24.13
C ILE A 45 -7.01 -9.46 25.04
N LEU A 46 -5.89 -8.97 25.59
CA LEU A 46 -5.15 -9.74 26.58
C LEU A 46 -6.05 -10.37 27.68
N SER A 47 -6.94 -9.61 28.33
CA SER A 47 -7.85 -10.18 29.35
C SER A 47 -8.80 -11.22 28.81
N MET A 48 -9.25 -11.06 27.58
CA MET A 48 -10.17 -12.06 27.08
C MET A 48 -9.47 -13.40 26.89
N LEU A 49 -8.29 -13.38 26.28
CA LEU A 49 -7.46 -14.58 26.07
C LEU A 49 -7.07 -15.18 27.40
N GLN A 50 -6.70 -14.33 28.35
CA GLN A 50 -6.46 -14.84 29.71
C GLN A 50 -7.68 -15.57 30.29
N ASP A 51 -8.84 -14.91 30.29
CA ASP A 51 -10.10 -15.51 30.79
C ASP A 51 -10.58 -16.75 30.02
N MET A 52 -10.12 -16.95 28.80
CA MET A 52 -10.40 -18.21 28.09
C MET A 52 -9.38 -19.35 28.39
N ASN A 53 -8.38 -19.02 29.21
CA ASN A 53 -7.25 -19.90 29.55
C ASN A 53 -6.29 -20.22 28.39
N PHE A 54 -6.31 -19.43 27.34
CA PHE A 54 -5.47 -19.73 26.20
C PHE A 54 -4.02 -19.46 26.47
N ILE A 55 -3.75 -18.43 27.26
CA ILE A 55 -2.36 -18.06 27.50
C ILE A 55 -1.65 -19.22 28.17
N ASN A 56 -2.28 -19.75 29.24
CA ASN A 56 -1.81 -21.01 29.92
C ASN A 56 -1.94 -22.30 29.05
N ASN A 57 -3.08 -22.50 28.37
CA ASN A 57 -3.35 -23.73 27.60
C ASN A 57 -2.28 -23.98 26.58
N TYR A 58 -2.01 -22.99 25.76
CA TYR A 58 -1.07 -23.16 24.65
C TYR A 58 0.27 -22.57 24.98
N LYS A 59 0.48 -22.24 26.24
CA LYS A 59 1.79 -21.74 26.71
C LYS A 59 2.36 -20.59 25.89
N ILE A 60 1.55 -19.55 25.67
CA ILE A 60 1.93 -18.44 24.79
C ILE A 60 2.85 -17.53 25.57
N ASP A 61 3.94 -17.10 24.92
CA ASP A 61 4.83 -16.17 25.58
C ASP A 61 4.17 -14.81 25.68
N CYS A 62 4.03 -14.26 26.89
CA CYS A 62 3.35 -12.95 27.06
C CYS A 62 3.88 -11.75 26.26
N PRO A 63 5.20 -11.53 26.24
CA PRO A 63 5.63 -10.39 25.42
C PRO A 63 5.30 -10.54 23.94
N THR A 64 5.40 -11.76 23.43
CA THR A 64 5.21 -12.00 22.02
C THR A 64 3.77 -11.66 21.68
N LEU A 65 2.86 -12.07 22.56
CA LEU A 65 1.43 -11.83 22.43
C LEU A 65 1.11 -10.34 22.53
N ALA A 66 1.73 -9.65 23.47
CA ALA A 66 1.56 -8.21 23.53
C ALA A 66 1.99 -7.54 22.24
N ARG A 67 3.17 -7.90 21.73
CA ARG A 67 3.70 -7.30 20.51
C ARG A 67 2.76 -7.59 19.34
N PHE A 68 2.32 -8.84 19.25
CA PHE A 68 1.39 -9.28 18.22
C PHE A 68 0.06 -8.51 18.26
N CYS A 69 -0.62 -8.46 19.40
CA CYS A 69 -1.73 -7.52 19.56
C CYS A 69 -1.50 -6.12 18.99
N LEU A 70 -0.41 -5.47 19.40
CA LEU A 70 -0.15 -4.12 18.90
C LEU A 70 0.08 -4.00 17.40
N MET A 71 0.80 -4.96 16.84
CA MET A 71 0.98 -5.01 15.40
C MET A 71 -0.36 -5.18 14.71
N VAL A 72 -1.23 -6.01 15.28
CA VAL A 72 -2.50 -6.28 14.62
C VAL A 72 -3.28 -4.98 14.69
N LYS A 73 -3.34 -4.40 15.88
CA LYS A 73 -4.00 -3.11 16.05
C LYS A 73 -3.48 -2.04 15.08
N LYS A 74 -2.18 -1.95 14.85
CA LYS A 74 -1.81 -0.87 13.95
C LYS A 74 -1.78 -1.29 12.49
N GLY A 75 -2.26 -2.49 12.19
CA GLY A 75 -2.30 -2.92 10.80
C GLY A 75 -3.65 -2.58 10.22
N TYR A 76 -4.45 -1.92 11.03
CA TYR A 76 -5.73 -1.37 10.62
C TYR A 76 -5.64 0.13 10.32
N ARG A 77 -6.24 0.51 9.19
CA ARG A 77 -6.34 1.90 8.80
C ARG A 77 -7.53 2.55 9.49
N ASP A 78 -7.93 3.74 9.05
CA ASP A 78 -9.06 4.34 9.73
C ASP A 78 -10.25 4.80 8.85
N PRO A 79 -10.76 3.92 7.97
CA PRO A 79 -12.04 4.26 7.33
C PRO A 79 -13.08 4.35 8.44
N PRO A 80 -14.26 4.89 8.12
CA PRO A 80 -15.31 5.06 9.14
C PRO A 80 -15.83 3.75 9.70
N TYR A 81 -15.87 2.67 8.92
CA TYR A 81 -16.36 1.39 9.49
C TYR A 81 -15.28 0.31 9.72
N HIS A 82 -14.52 -0.02 8.68
CA HIS A 82 -13.56 -1.13 8.80
C HIS A 82 -12.24 -0.77 9.49
N ASN A 83 -12.32 -0.39 10.76
CA ASN A 83 -11.17 0.08 11.51
C ASN A 83 -10.94 -0.83 12.71
N TRP A 84 -9.97 -0.48 13.56
CA TRP A 84 -9.62 -1.39 14.66
C TRP A 84 -10.83 -1.63 15.60
N MET A 85 -11.58 -0.60 15.93
CA MET A 85 -12.80 -0.80 16.73
C MET A 85 -13.80 -1.85 16.16
N HIS A 86 -13.98 -1.92 14.84
CA HIS A 86 -14.77 -2.99 14.25
C HIS A 86 -14.15 -4.33 14.62
N ALA A 87 -12.83 -4.46 14.36
CA ALA A 87 -12.11 -5.70 14.63
C ALA A 87 -12.14 -6.09 16.14
N PHE A 88 -11.94 -5.13 17.03
CA PHE A 88 -12.09 -5.41 18.44
C PHE A 88 -13.52 -5.87 18.80
N SER A 89 -14.53 -5.23 18.26
CA SER A 89 -15.85 -5.59 18.69
C SER A 89 -16.29 -6.92 18.07
N VAL A 90 -15.74 -7.27 16.94
CA VAL A 90 -15.95 -8.60 16.41
C VAL A 90 -15.26 -9.68 17.26
N SER A 91 -14.04 -9.42 17.75
CA SER A 91 -13.34 -10.36 18.64
C SER A 91 -14.04 -10.47 19.98
N HIS A 92 -14.52 -9.34 20.47
CA HIS A 92 -15.27 -9.41 21.68
C HIS A 92 -16.54 -10.28 21.54
N PHE A 93 -17.20 -10.25 20.39
CA PHE A 93 -18.39 -11.09 20.28
C PHE A 93 -18.03 -12.60 20.26
N CYS A 94 -16.87 -12.92 19.69
CA CYS A 94 -16.35 -14.28 19.72
C CYS A 94 -16.15 -14.75 21.17
N TYR A 95 -15.70 -13.83 22.02
CA TYR A 95 -15.52 -14.08 23.43
C TYR A 95 -16.85 -14.42 24.13
N LEU A 96 -17.86 -13.59 23.90
CA LEU A 96 -19.20 -13.87 24.42
C LEU A 96 -19.71 -15.25 23.99
N LEU A 97 -19.44 -15.64 22.76
CA LEU A 97 -19.89 -16.94 22.28
C LEU A 97 -19.26 -18.03 23.14
N TYR A 98 -18.00 -17.88 23.46
CA TYR A 98 -17.35 -18.90 24.22
C TYR A 98 -17.89 -18.91 25.66
N LYS A 99 -18.12 -17.74 26.23
CA LYS A 99 -18.61 -17.58 27.59
C LYS A 99 -20.07 -17.97 27.74
N ASN A 100 -20.87 -17.76 26.72
CA ASN A 100 -22.28 -17.86 26.91
C ASN A 100 -22.76 -19.17 26.36
N LEU A 101 -22.07 -19.66 25.34
CA LEU A 101 -22.60 -20.77 24.56
C LEU A 101 -21.92 -22.11 24.77
N GLU A 102 -20.73 -22.15 25.35
CA GLU A 102 -20.18 -23.48 25.62
C GLU A 102 -19.91 -24.20 24.30
N LEU A 103 -19.00 -23.58 23.56
CA LEU A 103 -18.58 -24.05 22.27
C LEU A 103 -17.79 -25.32 22.47
N THR A 104 -17.21 -25.44 23.65
CA THR A 104 -16.31 -26.54 23.95
C THR A 104 -16.96 -27.90 23.72
N ASN A 105 -18.29 -27.95 23.79
CA ASN A 105 -18.97 -29.21 23.50
C ASN A 105 -19.19 -29.47 22.02
N TYR A 106 -18.74 -28.54 21.16
CA TYR A 106 -18.89 -28.67 19.70
C TYR A 106 -17.56 -28.52 18.98
N LEU A 107 -16.61 -27.81 19.60
CA LEU A 107 -15.36 -27.47 18.93
C LEU A 107 -14.12 -27.81 19.74
N GLU A 108 -13.04 -28.18 19.05
CA GLU A 108 -11.73 -28.35 19.70
C GLU A 108 -11.20 -27.00 20.16
N ASP A 109 -10.40 -27.01 21.21
CA ASP A 109 -9.84 -25.78 21.69
C ASP A 109 -9.00 -25.09 20.67
N ILE A 110 -8.29 -25.83 19.83
CA ILE A 110 -7.46 -25.18 18.84
C ILE A 110 -8.28 -24.40 17.75
N GLU A 111 -9.48 -24.90 17.47
CA GLU A 111 -10.39 -24.26 16.56
C GLU A 111 -10.99 -22.99 17.15
N ILE A 112 -11.28 -23.01 18.44
CA ILE A 112 -11.87 -21.87 19.12
C ILE A 112 -10.81 -20.81 19.15
N PHE A 113 -9.57 -21.20 19.44
CA PHE A 113 -8.43 -20.29 19.51
C PHE A 113 -8.22 -19.55 18.18
N ALA A 114 -8.18 -20.31 17.10
CA ALA A 114 -8.06 -19.81 15.74
C ALA A 114 -9.16 -18.84 15.32
N LEU A 115 -10.39 -19.10 15.78
CA LEU A 115 -11.55 -18.24 15.44
C LEU A 115 -11.28 -16.87 16.05
N PHE A 116 -10.80 -16.89 17.29
CA PHE A 116 -10.59 -15.66 18.02
C PHE A 116 -9.44 -14.81 17.43
N ILE A 117 -8.28 -15.44 17.19
CA ILE A 117 -7.21 -14.82 16.44
C ILE A 117 -7.66 -14.29 15.04
N SER A 118 -8.48 -15.08 14.36
CA SER A 118 -8.97 -14.72 13.04
C SER A 118 -9.84 -13.50 13.11
N CYS A 119 -10.77 -13.47 14.07
CA CYS A 119 -11.52 -12.26 14.39
C CYS A 119 -10.65 -10.97 14.45
N MET A 120 -9.53 -10.99 15.18
CA MET A 120 -8.73 -9.78 15.29
C MET A 120 -8.15 -9.37 13.95
N CYS A 121 -7.80 -10.37 13.16
CA CYS A 121 -7.07 -10.18 11.90
C CYS A 121 -7.90 -10.09 10.66
N HIS A 122 -9.20 -10.37 10.74
CA HIS A 122 -9.99 -10.64 9.53
C HIS A 122 -10.22 -9.46 8.52
N ASP A 123 -9.98 -8.20 8.94
CA ASP A 123 -10.13 -7.05 8.03
C ASP A 123 -8.84 -6.21 7.91
N LEU A 124 -7.68 -6.85 8.11
CA LEU A 124 -6.40 -6.14 8.19
C LEU A 124 -6.11 -5.32 6.96
N ASP A 125 -5.72 -4.07 7.22
CA ASP A 125 -5.37 -3.15 6.16
C ASP A 125 -6.52 -2.82 5.18
N HIS A 126 -7.78 -2.97 5.61
CA HIS A 126 -8.94 -2.52 4.82
C HIS A 126 -8.87 -1.03 4.47
N ARG A 127 -9.22 -0.64 3.24
CA ARG A 127 -9.19 0.77 2.83
C ARG A 127 -10.56 1.45 2.79
N GLY A 128 -11.64 0.70 3.04
CA GLY A 128 -13.00 1.28 3.06
C GLY A 128 -13.73 1.09 1.75
N THR A 129 -13.27 0.13 0.96
CA THR A 129 -13.82 -0.12 -0.36
C THR A 129 -13.92 -1.63 -0.53
N ASN A 130 -14.79 -2.12 -1.38
CA ASN A 130 -15.07 -3.56 -1.36
C ASN A 130 -14.42 -4.27 -2.51
N ASN A 131 -14.79 -5.53 -2.70
CA ASN A 131 -14.15 -6.42 -3.63
C ASN A 131 -14.44 -6.01 -5.07
N SER A 132 -15.68 -5.60 -5.34
CA SER A 132 -15.96 -5.21 -6.70
C SER A 132 -15.28 -3.88 -7.06
N PHE A 133 -15.17 -2.94 -6.13
CA PHE A 133 -14.44 -1.71 -6.45
C PHE A 133 -12.98 -1.97 -6.77
N GLN A 134 -12.40 -3.03 -6.21
CA GLN A 134 -10.99 -3.34 -6.46
C GLN A 134 -10.76 -3.73 -7.93
N VAL A 135 -11.66 -4.55 -8.46
CA VAL A 135 -11.75 -4.96 -9.86
C VAL A 135 -12.13 -3.78 -10.72
N ALA A 136 -13.38 -3.33 -10.57
CA ALA A 136 -13.85 -2.10 -11.18
C ALA A 136 -12.81 -0.99 -11.26
N SER A 137 -11.86 -0.94 -10.32
CA SER A 137 -10.87 0.14 -10.36
C SER A 137 -9.47 -0.38 -10.61
N LYS A 138 -9.41 -1.63 -11.08
CA LYS A 138 -8.13 -2.34 -11.35
C LYS A 138 -6.92 -1.95 -10.45
N SER A 139 -6.97 -2.30 -9.15
CA SER A 139 -5.87 -2.00 -8.24
C SER A 139 -4.92 -3.19 -8.12
N VAL A 140 -3.82 -2.96 -7.40
CA VAL A 140 -2.77 -3.97 -7.21
C VAL A 140 -3.30 -5.20 -6.48
N LEU A 141 -4.20 -5.01 -5.54
CA LEU A 141 -4.83 -6.14 -4.89
C LEU A 141 -5.63 -6.99 -5.86
N ALA A 142 -6.44 -6.33 -6.70
CA ALA A 142 -7.14 -7.06 -7.75
C ALA A 142 -6.12 -7.72 -8.67
N ALA A 143 -5.01 -7.04 -8.94
CA ALA A 143 -3.97 -7.61 -9.78
C ALA A 143 -3.48 -8.90 -9.16
N LEU A 144 -3.05 -8.81 -7.90
CA LEU A 144 -2.60 -9.95 -7.09
C LEU A 144 -3.67 -11.04 -7.02
N TYR A 145 -4.91 -10.65 -6.74
CA TYR A 145 -5.83 -11.67 -6.22
C TYR A 145 -7.06 -11.94 -7.06
N SER A 146 -7.36 -11.04 -7.99
CA SER A 146 -8.68 -11.02 -8.59
C SER A 146 -9.10 -12.29 -9.32
N SER A 147 -8.16 -13.06 -9.87
CA SER A 147 -8.50 -14.28 -10.59
C SER A 147 -8.93 -15.44 -9.68
N GLU A 148 -8.59 -15.37 -8.41
CA GLU A 148 -9.10 -16.39 -7.46
C GLU A 148 -10.35 -15.98 -6.64
N GLY A 149 -10.70 -14.69 -6.65
CA GLY A 149 -11.87 -14.21 -5.90
C GLY A 149 -11.53 -13.73 -4.49
N SER A 150 -12.54 -13.21 -3.79
CA SER A 150 -12.35 -12.68 -2.43
C SER A 150 -11.14 -11.77 -2.33
N VAL A 151 -11.03 -10.77 -3.18
CA VAL A 151 -9.78 -10.00 -3.21
C VAL A 151 -9.31 -9.50 -1.84
N MET A 152 -10.20 -8.83 -1.12
CA MET A 152 -9.85 -8.17 0.16
C MET A 152 -9.46 -9.21 1.22
N GLU A 153 -10.16 -10.33 1.20
CA GLU A 153 -9.97 -11.34 2.23
C GLU A 153 -8.62 -12.03 2.10
N ARG A 154 -8.20 -12.26 0.86
CA ARG A 154 -6.91 -12.88 0.64
C ARG A 154 -5.87 -11.87 1.09
N HIS A 155 -6.15 -10.60 0.91
CA HIS A 155 -5.21 -9.58 1.38
C HIS A 155 -5.22 -9.58 2.91
N HIS A 156 -6.37 -9.80 3.56
CA HIS A 156 -6.39 -9.77 5.03
C HIS A 156 -5.53 -10.89 5.58
N PHE A 157 -5.79 -12.09 5.06
CA PHE A 157 -4.98 -13.23 5.39
C PHE A 157 -3.49 -12.94 5.19
N ALA A 158 -3.11 -12.48 4.00
CA ALA A 158 -1.70 -12.23 3.73
C ALA A 158 -1.03 -11.27 4.71
N GLN A 159 -1.75 -10.24 5.16
CA GLN A 159 -1.25 -9.35 6.19
C GLN A 159 -1.09 -10.07 7.53
N ALA A 160 -2.02 -10.95 7.89
CA ALA A 160 -1.90 -11.70 9.15
C ALA A 160 -0.64 -12.51 9.13
N ILE A 161 -0.37 -13.12 7.99
CA ILE A 161 0.78 -13.98 7.78
C ILE A 161 2.01 -13.13 7.86
N ALA A 162 1.95 -11.93 7.33
CA ALA A 162 3.15 -11.07 7.38
C ALA A 162 3.44 -10.60 8.81
N ILE A 163 2.43 -10.48 9.65
CA ILE A 163 2.69 -10.05 11.02
C ILE A 163 3.32 -11.18 11.83
N LEU A 164 2.79 -12.39 11.65
CA LEU A 164 3.31 -13.60 12.26
C LEU A 164 4.79 -13.84 11.98
N ASN A 165 5.24 -13.45 10.80
CA ASN A 165 6.62 -13.68 10.44
C ASN A 165 7.47 -12.44 10.64
N THR A 166 7.01 -11.56 11.51
CA THR A 166 7.77 -10.40 11.91
C THR A 166 8.44 -10.73 13.25
N HIS A 167 9.75 -10.48 13.35
CA HIS A 167 10.54 -10.94 14.51
C HIS A 167 9.83 -10.58 15.82
N GLY A 168 9.71 -11.56 16.71
CA GLY A 168 9.08 -11.32 18.00
C GLY A 168 7.55 -11.27 18.04
N CYS A 169 6.90 -11.59 16.92
CA CYS A 169 5.46 -11.55 16.85
C CYS A 169 4.80 -12.92 16.63
N ASN A 170 5.62 -13.96 16.53
CA ASN A 170 5.07 -15.22 16.13
C ASN A 170 4.57 -16.03 17.31
N ILE A 171 3.37 -15.70 17.80
CA ILE A 171 2.81 -16.35 18.98
C ILE A 171 2.67 -17.86 18.85
N PHE A 172 2.87 -18.42 17.65
CA PHE A 172 2.77 -19.87 17.47
C PHE A 172 4.06 -20.60 17.24
N ASP A 173 5.21 -19.93 17.24
CA ASP A 173 6.39 -20.63 16.75
C ASP A 173 6.88 -21.79 17.66
N HIS A 174 6.29 -21.96 18.85
CA HIS A 174 6.55 -23.17 19.65
C HIS A 174 5.56 -24.36 19.43
N PHE A 175 4.55 -24.22 18.58
CA PHE A 175 3.67 -25.36 18.28
C PHE A 175 4.41 -26.40 17.46
N SER A 176 4.05 -27.66 17.60
CA SER A 176 4.46 -28.69 16.65
C SER A 176 4.16 -28.29 15.19
N ARG A 177 5.03 -28.68 14.26
CA ARG A 177 4.77 -28.42 12.85
C ARG A 177 3.35 -28.86 12.49
N LYS A 178 2.88 -29.95 13.06
CA LYS A 178 1.50 -30.33 12.83
C LYS A 178 0.47 -29.29 13.34
N ASP A 179 0.63 -28.80 14.57
CA ASP A 179 -0.33 -27.86 15.09
C ASP A 179 -0.18 -26.47 14.44
N TYR A 180 1.02 -26.13 14.01
CA TYR A 180 1.32 -24.80 13.49
C TYR A 180 0.65 -24.63 12.14
N GLN A 181 0.75 -25.67 11.37
CA GLN A 181 0.19 -25.65 10.08
C GLN A 181 -1.31 -25.92 10.15
N ARG A 182 -1.81 -26.62 11.16
CA ARG A 182 -3.26 -26.62 11.32
C ARG A 182 -3.77 -25.19 11.60
N MET A 183 -3.02 -24.43 12.39
CA MET A 183 -3.45 -23.11 12.79
C MET A 183 -3.49 -22.15 11.60
N LEU A 184 -2.50 -22.22 10.73
CA LEU A 184 -2.55 -21.45 9.49
C LEU A 184 -3.71 -21.88 8.58
N ASP A 185 -4.01 -23.17 8.52
CA ASP A 185 -5.13 -23.62 7.71
C ASP A 185 -6.41 -23.01 8.22
N LEU A 186 -6.66 -23.20 9.51
CA LEU A 186 -7.88 -22.67 10.11
C LEU A 186 -8.05 -21.15 9.93
N MET A 187 -7.01 -20.36 10.13
CA MET A 187 -7.14 -18.93 9.89
C MET A 187 -7.44 -18.61 8.44
N ARG A 188 -6.86 -19.34 7.50
CA ARG A 188 -7.14 -19.10 6.10
C ARG A 188 -8.60 -19.44 5.81
N ASP A 189 -9.07 -20.57 6.29
CA ASP A 189 -10.48 -20.88 6.05
C ASP A 189 -11.42 -19.86 6.66
N ILE A 190 -11.13 -19.41 7.87
CA ILE A 190 -12.04 -18.55 8.60
C ILE A 190 -12.07 -17.15 8.01
N ILE A 191 -10.90 -16.61 7.68
CA ILE A 191 -10.87 -15.28 7.12
C ILE A 191 -11.58 -15.27 5.76
N LEU A 192 -11.31 -16.27 4.94
CA LEU A 192 -11.94 -16.43 3.63
C LEU A 192 -13.44 -16.56 3.73
N ALA A 193 -13.91 -17.16 4.82
CA ALA A 193 -15.31 -17.32 5.05
C ALA A 193 -16.00 -16.00 5.32
N THR A 194 -15.25 -14.92 5.56
CA THR A 194 -15.94 -13.64 5.83
C THR A 194 -16.48 -12.88 4.60
N ASP A 195 -16.15 -13.36 3.41
CA ASP A 195 -16.68 -12.83 2.16
C ASP A 195 -18.16 -13.25 2.04
N LEU A 196 -19.07 -12.30 1.78
CA LEU A 196 -20.49 -12.66 1.58
C LEU A 196 -20.73 -13.71 0.45
N ALA A 197 -19.88 -13.72 -0.57
CA ALA A 197 -19.97 -14.77 -1.61
C ALA A 197 -19.76 -16.16 -1.03
N HIS A 198 -18.72 -16.33 -0.22
CA HIS A 198 -18.49 -17.59 0.46
C HIS A 198 -19.70 -18.04 1.25
N HIS A 199 -20.18 -17.15 2.09
CA HIS A 199 -21.34 -17.47 2.91
C HIS A 199 -22.53 -17.88 2.06
N LEU A 200 -22.69 -17.24 0.90
CA LEU A 200 -23.84 -17.58 0.05
C LEU A 200 -23.67 -18.95 -0.57
N ARG A 201 -22.44 -19.28 -0.97
CA ARG A 201 -22.16 -20.65 -1.39
C ARG A 201 -22.49 -21.70 -0.33
N ILE A 202 -22.13 -21.46 0.94
CA ILE A 202 -22.32 -22.55 1.90
C ILE A 202 -23.69 -22.55 2.59
N PHE A 203 -24.53 -21.58 2.28
CA PHE A 203 -25.82 -21.50 2.95
C PHE A 203 -26.66 -22.79 3.07
N LYS A 204 -26.75 -23.59 2.01
CA LYS A 204 -27.60 -24.81 2.05
C LYS A 204 -27.01 -25.85 2.99
N ASP A 205 -25.70 -25.95 2.91
CA ASP A 205 -24.97 -26.82 3.78
C ASP A 205 -25.22 -26.46 5.26
N LEU A 206 -25.18 -25.17 5.59
CA LEU A 206 -25.49 -24.73 6.94
C LEU A 206 -26.91 -25.10 7.35
N GLN A 207 -27.85 -24.88 6.45
CA GLN A 207 -29.24 -25.23 6.70
C GLN A 207 -29.36 -26.73 6.93
N LYS A 208 -28.65 -27.51 6.12
CA LYS A 208 -28.68 -28.95 6.26
C LYS A 208 -28.16 -29.28 7.64
N MET A 209 -27.01 -28.69 7.99
CA MET A 209 -26.39 -28.99 9.26
C MET A 209 -27.37 -28.83 10.40
N ALA A 210 -28.03 -27.68 10.43
CA ALA A 210 -28.94 -27.41 11.52
C ALA A 210 -30.13 -28.35 11.48
N GLU A 211 -30.54 -28.69 10.26
CA GLU A 211 -31.63 -29.62 10.03
C GLU A 211 -31.31 -31.02 10.58
N VAL A 212 -30.33 -31.72 10.00
CA VAL A 212 -29.93 -33.02 10.55
C VAL A 212 -29.47 -32.97 12.01
N GLY A 213 -28.95 -31.85 12.47
CA GLY A 213 -28.43 -31.74 13.83
C GLY A 213 -26.91 -31.76 13.83
N TYR A 214 -26.29 -31.16 14.84
CA TYR A 214 -24.84 -31.10 14.89
C TYR A 214 -24.22 -32.44 15.25
N ASP A 215 -23.22 -32.86 14.46
CA ASP A 215 -22.47 -34.08 14.72
C ASP A 215 -21.01 -33.79 15.11
N ARG A 216 -20.69 -34.00 16.38
CA ARG A 216 -19.36 -33.75 16.91
C ARG A 216 -18.23 -34.52 16.24
N ASN A 217 -18.54 -35.65 15.63
CA ASN A 217 -17.50 -36.47 15.05
C ASN A 217 -17.38 -36.23 13.54
N ASN A 218 -18.23 -35.36 13.02
CA ASN A 218 -18.15 -35.00 11.63
C ASN A 218 -17.24 -33.79 11.45
N LYS A 219 -16.05 -34.00 10.91
CA LYS A 219 -15.10 -32.91 10.64
C LYS A 219 -15.69 -31.75 9.85
N GLN A 220 -16.62 -32.05 8.95
CA GLN A 220 -17.21 -31.05 8.05
C GLN A 220 -18.21 -30.16 8.75
N HIS A 221 -18.86 -30.72 9.77
CA HIS A 221 -19.62 -29.91 10.68
C HIS A 221 -18.73 -28.91 11.44
N HIS A 222 -17.53 -29.32 11.82
CA HIS A 222 -16.61 -28.42 12.52
C HIS A 222 -16.33 -27.25 11.60
N ARG A 223 -16.04 -27.54 10.33
CA ARG A 223 -15.70 -26.50 9.38
C ARG A 223 -16.84 -25.55 9.18
N LEU A 224 -18.03 -26.08 8.99
CA LEU A 224 -19.19 -25.28 8.70
C LEU A 224 -19.57 -24.43 9.89
N LEU A 225 -19.59 -25.03 11.07
CA LEU A 225 -19.87 -24.26 12.27
C LEU A 225 -18.88 -23.07 12.42
N LEU A 226 -17.61 -23.32 12.12
CA LEU A 226 -16.63 -22.24 12.21
C LEU A 226 -16.99 -21.04 11.35
N CYS A 227 -17.55 -21.31 10.17
CA CYS A 227 -17.93 -20.28 9.20
C CYS A 227 -19.14 -19.54 9.67
N LEU A 228 -20.15 -20.27 10.13
CA LEU A 228 -21.29 -19.62 10.72
C LEU A 228 -20.84 -18.72 11.88
N LEU A 229 -20.01 -19.20 12.80
CA LEU A 229 -19.67 -18.36 13.94
C LEU A 229 -18.93 -17.09 13.51
N MET A 230 -18.11 -17.17 12.46
CA MET A 230 -17.34 -16.02 12.01
C MET A 230 -18.25 -14.95 11.44
N THR A 231 -19.23 -15.37 10.66
CA THR A 231 -20.20 -14.41 10.16
C THR A 231 -21.08 -13.84 11.30
N SER A 232 -21.40 -14.64 12.32
CA SER A 232 -22.07 -14.13 13.52
C SER A 232 -21.31 -12.97 14.17
N CYS A 233 -20.01 -13.18 14.40
CA CYS A 233 -19.15 -12.14 14.95
C CYS A 233 -19.10 -10.85 14.09
N ASP A 234 -19.04 -11.01 12.78
CA ASP A 234 -18.77 -9.93 11.87
C ASP A 234 -19.99 -9.10 11.75
N LEU A 235 -21.15 -9.67 12.05
CA LEU A 235 -22.41 -8.90 12.02
C LEU A 235 -22.93 -8.50 13.44
N SER A 236 -22.18 -8.85 14.48
CA SER A 236 -22.67 -8.67 15.84
C SER A 236 -23.12 -7.26 16.24
N ASP A 237 -22.62 -6.22 15.58
CA ASP A 237 -23.14 -4.87 15.81
C ASP A 237 -24.66 -4.78 15.66
N GLN A 238 -25.30 -5.75 14.99
CA GLN A 238 -26.76 -5.63 14.75
C GLN A 238 -27.51 -6.32 15.89
N THR A 239 -26.77 -6.85 16.85
CA THR A 239 -27.38 -7.57 17.94
C THR A 239 -27.54 -6.70 19.20
N LYS A 240 -27.19 -5.43 19.15
CA LYS A 240 -27.33 -4.61 20.36
C LYS A 240 -28.65 -3.82 20.24
N GLY A 241 -28.76 -2.65 20.81
CA GLY A 241 -30.01 -1.93 20.67
C GLY A 241 -30.02 -0.91 19.55
N TRP A 242 -31.18 -0.32 19.33
CA TRP A 242 -31.36 0.71 18.31
C TRP A 242 -30.28 1.79 18.28
N LYS A 243 -29.79 2.19 19.45
CA LYS A 243 -28.74 3.19 19.46
C LYS A 243 -27.46 2.75 18.70
N THR A 244 -27.08 1.48 18.83
CA THR A 244 -25.92 0.95 18.14
C THR A 244 -26.23 0.80 16.64
N THR A 245 -27.40 0.26 16.34
CA THR A 245 -27.79 0.06 14.95
C THR A 245 -27.74 1.37 14.15
N ARG A 246 -28.36 2.41 14.68
CA ARG A 246 -28.39 3.72 14.01
C ARG A 246 -26.99 4.28 13.72
N LYS A 247 -26.12 4.19 14.71
CA LYS A 247 -24.77 4.68 14.63
C LYS A 247 -23.97 3.82 13.66
N ILE A 248 -24.30 2.53 13.60
CA ILE A 248 -23.59 1.63 12.69
C ILE A 248 -23.93 1.96 11.24
N ALA A 249 -25.19 2.23 10.98
CA ALA A 249 -25.58 2.77 9.68
C ALA A 249 -24.82 4.05 9.31
N GLU A 250 -24.73 5.02 10.20
CA GLU A 250 -24.06 6.25 9.84
C GLU A 250 -22.68 5.91 9.27
N LEU A 251 -21.95 5.04 9.99
CA LEU A 251 -20.53 4.71 9.68
C LEU A 251 -20.46 3.85 8.40
N ILE A 252 -21.40 2.95 8.24
CA ILE A 252 -21.41 2.15 7.08
C ILE A 252 -21.74 2.97 5.81
N TYR A 253 -22.74 3.84 5.86
CA TYR A 253 -23.06 4.61 4.66
C TYR A 253 -22.01 5.67 4.34
N LYS A 254 -21.38 6.21 5.37
CA LYS A 254 -20.32 7.17 5.12
C LYS A 254 -19.24 6.47 4.29
N GLU A 255 -18.81 5.29 4.71
CA GLU A 255 -17.90 4.49 3.90
C GLU A 255 -18.45 4.14 2.50
N PHE A 256 -19.68 3.65 2.38
CA PHE A 256 -20.13 3.28 1.05
C PHE A 256 -20.19 4.48 0.11
N PHE A 257 -20.59 5.65 0.64
CA PHE A 257 -20.84 6.79 -0.24
C PHE A 257 -19.51 7.33 -0.70
N SER A 258 -18.52 7.25 0.18
CA SER A 258 -17.17 7.62 -0.20
C SER A 258 -16.67 6.82 -1.36
N GLN A 259 -16.82 5.50 -1.28
CA GLN A 259 -16.41 4.68 -2.42
C GLN A 259 -17.21 5.09 -3.68
N GLY A 260 -18.52 5.29 -3.50
CA GLY A 260 -19.40 5.76 -4.57
C GLY A 260 -18.90 7.04 -5.21
N ASP A 261 -18.38 7.97 -4.41
CA ASP A 261 -17.84 9.18 -4.97
C ASP A 261 -16.69 8.81 -5.89
N LEU A 262 -15.82 7.93 -5.43
CA LEU A 262 -14.68 7.59 -6.23
C LEU A 262 -15.06 6.83 -7.48
N GLU A 263 -16.15 6.07 -7.45
CA GLU A 263 -16.58 5.42 -8.69
C GLU A 263 -17.08 6.45 -9.72
N LYS A 264 -17.69 7.51 -9.25
CA LYS A 264 -18.16 8.54 -10.15
C LYS A 264 -17.02 9.35 -10.74
N ALA A 265 -15.95 9.54 -9.97
CA ALA A 265 -14.86 10.38 -10.41
C ALA A 265 -13.96 9.62 -11.41
N MET A 266 -14.14 8.31 -11.48
CA MET A 266 -13.37 7.49 -12.42
C MET A 266 -14.20 7.25 -13.68
N GLY A 267 -15.46 7.64 -13.63
CA GLY A 267 -16.32 7.52 -14.78
C GLY A 267 -17.17 6.27 -14.84
N ASN A 268 -17.46 5.66 -13.70
CA ASN A 268 -18.48 4.61 -13.64
C ASN A 268 -19.67 5.12 -12.83
N ARG A 269 -20.79 4.44 -12.94
CA ARG A 269 -21.88 4.79 -12.07
C ARG A 269 -21.91 3.77 -10.96
N PRO A 270 -21.97 4.24 -9.72
CA PRO A 270 -21.95 3.29 -8.64
C PRO A 270 -23.28 2.61 -8.52
N MET A 271 -23.29 1.44 -7.90
CA MET A 271 -24.51 0.78 -7.53
C MET A 271 -25.36 1.72 -6.71
N GLU A 272 -26.66 1.50 -6.75
CA GLU A 272 -27.57 2.31 -5.97
C GLU A 272 -27.13 2.59 -4.53
N MET A 273 -27.01 1.54 -3.73
CA MET A 273 -26.71 1.71 -2.32
C MET A 273 -25.41 2.48 -2.06
N MET A 274 -24.50 2.58 -3.03
CA MET A 274 -23.25 3.33 -2.82
C MET A 274 -23.33 4.74 -3.36
N ASP A 275 -24.50 5.10 -3.87
CA ASP A 275 -24.71 6.38 -4.53
C ASP A 275 -25.53 7.31 -3.63
N ARG A 276 -24.92 8.37 -3.13
CA ARG A 276 -25.57 9.19 -2.09
C ARG A 276 -26.78 9.98 -2.59
N GLU A 277 -27.02 9.94 -3.89
CA GLU A 277 -28.15 10.62 -4.51
C GLU A 277 -29.31 9.68 -4.76
N LYS A 278 -29.10 8.39 -4.51
CA LYS A 278 -30.15 7.41 -4.79
C LYS A 278 -30.40 6.52 -3.60
N ALA A 279 -29.37 6.35 -2.78
CA ALA A 279 -29.47 5.41 -1.67
C ALA A 279 -30.56 5.84 -0.72
N TYR A 280 -31.56 4.99 -0.55
CA TYR A 280 -32.58 5.25 0.43
C TYR A 280 -32.39 4.32 1.64
N ILE A 281 -31.82 4.87 2.71
CA ILE A 281 -31.29 4.09 3.83
C ILE A 281 -32.23 3.12 4.57
N PRO A 282 -33.42 3.57 5.00
CA PRO A 282 -34.28 2.60 5.69
C PRO A 282 -34.56 1.35 4.87
N GLU A 283 -34.75 1.52 3.58
CA GLU A 283 -35.13 0.37 2.78
C GLU A 283 -33.93 -0.58 2.57
N LEU A 284 -32.75 -0.03 2.30
CA LEU A 284 -31.55 -0.86 2.18
C LEU A 284 -31.23 -1.64 3.47
N GLN A 285 -31.46 -1.01 4.61
CA GLN A 285 -31.19 -1.59 5.92
C GLN A 285 -32.18 -2.70 6.23
N ILE A 286 -33.44 -2.45 5.91
CA ILE A 286 -34.47 -3.46 6.06
C ILE A 286 -34.20 -4.66 5.15
N SER A 287 -33.81 -4.45 3.89
CA SER A 287 -33.36 -5.55 3.01
C SER A 287 -32.19 -6.34 3.57
N PHE A 288 -31.16 -5.62 3.98
CA PHE A 288 -30.05 -6.28 4.62
C PHE A 288 -30.47 -7.09 5.85
N MET A 289 -31.28 -6.51 6.73
CA MET A 289 -31.66 -7.21 7.94
C MET A 289 -32.48 -8.45 7.62
N GLU A 290 -33.46 -8.32 6.72
CA GLU A 290 -34.31 -9.45 6.33
C GLU A 290 -33.60 -10.60 5.62
N HIS A 291 -32.70 -10.28 4.68
CA HIS A 291 -32.10 -11.31 3.81
C HIS A 291 -30.79 -11.94 4.29
N ILE A 292 -30.05 -11.20 5.09
CA ILE A 292 -28.72 -11.61 5.44
C ILE A 292 -28.55 -11.80 6.93
N ALA A 293 -28.88 -10.75 7.69
CA ALA A 293 -28.63 -10.76 9.13
C ALA A 293 -29.52 -11.74 9.82
N MET A 294 -30.81 -11.58 9.66
CA MET A 294 -31.76 -12.46 10.32
C MET A 294 -31.51 -13.95 10.02
N PRO A 295 -31.31 -14.32 8.75
CA PRO A 295 -31.08 -15.74 8.52
C PRO A 295 -29.81 -16.29 9.21
N ILE A 296 -28.75 -15.51 9.26
CA ILE A 296 -27.57 -15.96 9.96
C ILE A 296 -27.87 -16.21 11.47
N TYR A 297 -28.58 -15.30 12.12
CA TYR A 297 -28.90 -15.49 13.53
C TYR A 297 -30.00 -16.52 13.83
N LYS A 298 -30.93 -16.75 12.88
CA LYS A 298 -31.91 -17.85 12.96
C LYS A 298 -31.16 -19.17 12.97
N LEU A 299 -30.21 -19.35 12.05
CA LEU A 299 -29.31 -20.51 12.10
C LEU A 299 -28.57 -20.68 13.43
N LEU A 300 -28.06 -19.59 14.01
CA LEU A 300 -27.37 -19.71 15.28
C LEU A 300 -28.31 -20.30 16.33
N GLN A 301 -29.54 -19.83 16.31
CA GLN A 301 -30.53 -20.20 17.28
C GLN A 301 -30.91 -21.68 17.09
N ASP A 302 -31.01 -22.11 15.83
CA ASP A 302 -31.26 -23.53 15.54
C ASP A 302 -30.27 -24.50 16.23
N LEU A 303 -29.02 -24.07 16.42
CA LEU A 303 -27.98 -24.96 16.93
C LEU A 303 -27.56 -24.68 18.37
N PHE A 304 -27.89 -23.52 18.91
CA PHE A 304 -27.64 -23.26 20.33
C PHE A 304 -28.79 -22.46 20.84
N PRO A 305 -29.81 -23.14 21.39
CA PRO A 305 -31.02 -22.42 21.81
C PRO A 305 -30.76 -21.18 22.68
N LYS A 306 -29.67 -21.15 23.44
CA LYS A 306 -29.37 -19.98 24.27
C LYS A 306 -28.97 -18.73 23.46
N ALA A 307 -28.98 -18.86 22.14
CA ALA A 307 -28.63 -17.77 21.25
C ALA A 307 -29.87 -17.09 20.72
N ALA A 308 -31.04 -17.57 21.16
CA ALA A 308 -32.31 -17.01 20.71
C ALA A 308 -32.43 -15.49 20.90
N GLU A 309 -31.94 -14.97 22.03
CA GLU A 309 -32.06 -13.53 22.27
C GLU A 309 -31.32 -12.70 21.21
N LEU A 310 -30.33 -13.30 20.56
CA LEU A 310 -29.58 -12.57 19.58
C LEU A 310 -30.44 -12.32 18.37
N TYR A 311 -31.08 -13.39 17.93
CA TYR A 311 -32.02 -13.33 16.82
C TYR A 311 -33.17 -12.33 17.07
N GLU A 312 -33.86 -12.42 18.19
CA GLU A 312 -34.95 -11.47 18.46
C GLU A 312 -34.48 -10.02 18.52
N ARG A 313 -33.26 -9.81 18.99
CA ARG A 313 -32.74 -8.46 19.00
C ARG A 313 -32.52 -7.98 17.53
N VAL A 314 -31.96 -8.82 16.67
CA VAL A 314 -31.81 -8.43 15.27
C VAL A 314 -33.16 -8.12 14.63
N ALA A 315 -34.16 -9.00 14.86
CA ALA A 315 -35.53 -8.80 14.36
C ALA A 315 -36.07 -7.46 14.85
N SER A 316 -35.81 -7.20 16.11
CA SER A 316 -36.30 -6.02 16.73
C SER A 316 -35.62 -4.78 16.15
N ASN A 317 -34.35 -4.89 15.78
CA ASN A 317 -33.72 -3.74 15.12
C ASN A 317 -34.25 -3.45 13.72
N ARG A 318 -34.63 -4.50 12.99
CA ARG A 318 -35.27 -4.34 11.69
C ARG A 318 -36.63 -3.62 11.82
N GLU A 319 -37.37 -3.94 12.87
CA GLU A 319 -38.64 -3.25 13.17
C GLU A 319 -38.51 -1.76 13.33
N HIS A 320 -37.51 -1.32 14.09
CA HIS A 320 -37.28 0.11 14.26
C HIS A 320 -37.05 0.79 12.91
N TRP A 321 -36.28 0.20 12.01
CA TRP A 321 -36.11 0.87 10.72
C TRP A 321 -37.46 1.20 10.11
N THR A 322 -38.30 0.18 9.98
CA THR A 322 -39.69 0.38 9.53
C THR A 322 -40.43 1.51 10.24
N LYS A 323 -40.37 1.53 11.57
CA LYS A 323 -41.03 2.57 12.37
C LYS A 323 -40.55 4.00 12.05
N VAL A 324 -39.27 4.17 11.74
CA VAL A 324 -38.73 5.51 11.48
C VAL A 324 -38.68 5.88 9.98
N SER A 325 -39.13 4.97 9.12
CA SER A 325 -39.16 5.21 7.69
C SER A 325 -39.62 6.60 7.33
N HIS A 326 -40.80 6.94 7.87
CA HIS A 326 -41.56 8.13 7.48
C HIS A 326 -40.78 9.41 7.70
N LYS A 327 -39.79 9.33 8.59
CA LYS A 327 -39.01 10.51 8.91
C LYS A 327 -38.02 10.94 7.84
N PHE A 328 -37.90 10.13 6.78
CA PHE A 328 -37.00 10.44 5.69
C PHE A 328 -37.76 11.15 4.56
N THR A 329 -39.02 11.46 4.80
CA THR A 329 -39.80 12.36 3.94
C THR A 329 -39.89 13.74 4.61
N ILE A 330 -39.44 14.78 3.93
CA ILE A 330 -39.65 16.13 4.45
C ILE A 330 -41.11 16.59 4.36
N ARG A 331 -41.77 16.60 5.52
CA ARG A 331 -43.15 17.07 5.67
C ARG A 331 -43.06 18.37 6.44
N GLY A 332 -43.96 19.29 6.16
CA GLY A 332 -43.74 20.65 6.63
C GLY A 332 -42.57 21.30 5.89
N LEU A 333 -41.91 22.23 6.58
CA LEU A 333 -40.81 22.99 6.03
C LEU A 333 -39.58 22.49 6.71
N PRO A 334 -38.39 22.65 6.08
CA PRO A 334 -37.24 22.20 6.84
C PRO A 334 -37.08 23.09 8.04
N SER A 335 -36.37 22.62 9.06
CA SER A 335 -36.15 23.38 10.29
C SER A 335 -35.91 24.89 10.10
N ASN A 336 -35.04 25.28 9.17
CA ASN A 336 -34.75 26.72 9.01
C ASN A 336 -35.89 27.54 8.34
N ASN A 337 -37.04 26.91 8.15
CA ASN A 337 -38.21 27.57 7.55
C ASN A 337 -38.05 28.08 6.13
N SER A 338 -37.08 27.53 5.41
CA SER A 338 -36.82 27.95 4.04
C SER A 338 -36.79 26.78 3.07
N LEU A 339 -37.19 27.04 1.82
CA LEU A 339 -37.05 26.04 0.78
C LEU A 339 -35.73 26.30 0.07
N ASP A 340 -34.75 26.76 0.83
CA ASP A 340 -33.39 27.00 0.34
C ASP A 340 -32.74 25.77 -0.27
N PHE A 341 -32.86 24.62 0.42
CA PHE A 341 -32.30 23.35 -0.06
C PHE A 341 -32.79 23.01 -1.49
N LEU A 342 -34.01 23.44 -1.81
CA LEU A 342 -34.70 23.03 -3.01
C LEU A 342 -34.06 23.71 -4.18
N ASP A 343 -33.70 24.95 -3.92
CA ASP A 343 -33.28 25.90 -4.94
C ASP A 343 -33.86 25.64 -6.33
N ILE B 16 12.10 29.95 30.77
CA ILE B 16 11.11 29.56 29.72
C ILE B 16 9.70 29.25 30.26
N GLN B 17 8.79 30.22 30.12
CA GLN B 17 7.39 30.10 30.54
C GLN B 17 6.66 28.88 29.92
N PRO B 18 5.93 28.11 30.74
CA PRO B 18 5.11 27.07 30.10
C PRO B 18 4.04 27.70 29.20
N VAL B 19 3.59 26.93 28.23
CA VAL B 19 2.59 27.40 27.30
C VAL B 19 1.34 27.90 28.03
N ALA B 20 1.02 27.22 29.13
CA ALA B 20 -0.23 27.45 29.87
C ALA B 20 -0.34 28.88 30.42
N ALA B 21 0.81 29.42 30.81
CA ALA B 21 0.96 30.78 31.37
C ALA B 21 1.02 31.90 30.35
N ILE B 22 1.04 31.55 29.06
CA ILE B 22 1.06 32.57 28.02
C ILE B 22 -0.38 32.95 27.73
N ASP B 23 -1.22 31.92 27.67
CA ASP B 23 -2.65 32.08 27.47
C ASP B 23 -3.24 30.69 27.65
N SER B 24 -4.45 30.62 28.20
CA SER B 24 -5.07 29.33 28.48
C SER B 24 -5.48 28.74 27.15
N ASN B 25 -5.55 29.59 26.14
CA ASN B 25 -6.13 29.19 24.87
C ASN B 25 -5.07 28.79 23.80
N PHE B 26 -3.80 28.81 24.21
CA PHE B 26 -2.64 28.82 23.31
C PHE B 26 -2.52 27.67 22.31
N ALA B 27 -3.11 26.51 22.61
CA ALA B 27 -2.95 25.33 21.77
C ALA B 27 -4.24 24.98 21.05
N SER B 28 -5.11 25.98 20.95
CA SER B 28 -6.38 25.80 20.27
C SER B 28 -6.44 26.48 18.89
N PHE B 29 -7.10 25.81 17.95
CA PHE B 29 -7.28 26.36 16.62
C PHE B 29 -7.93 27.74 16.61
N THR B 30 -8.47 28.18 17.76
CA THR B 30 -9.14 29.50 17.84
C THR B 30 -8.21 30.59 18.37
N TYR B 31 -7.05 30.21 18.89
CA TYR B 31 -6.08 31.23 19.22
C TYR B 31 -5.51 31.96 17.97
N THR B 32 -5.33 33.26 18.11
CA THR B 32 -4.80 34.08 17.03
C THR B 32 -3.46 34.64 17.49
N PRO B 33 -2.35 33.97 17.11
CA PRO B 33 -1.02 34.38 17.57
C PRO B 33 -0.63 35.80 17.23
N ARG B 34 -1.41 36.50 16.41
CA ARG B 34 -1.10 37.92 16.13
C ARG B 34 -1.53 38.87 17.25
N SER B 35 -2.43 38.38 18.10
CA SER B 35 -2.78 39.01 19.38
C SER B 35 -1.56 39.14 20.30
N LEU B 36 -0.56 38.27 20.12
CA LEU B 36 0.64 38.31 20.97
C LEU B 36 1.55 39.49 20.69
N PRO B 37 1.80 40.33 21.70
CA PRO B 37 2.77 41.42 21.52
C PRO B 37 4.12 40.93 20.94
N GLU B 38 4.66 41.63 19.97
CA GLU B 38 5.80 41.11 19.25
C GLU B 38 7.01 40.90 20.15
N ASP B 39 6.92 41.44 21.35
CA ASP B 39 8.04 41.33 22.27
C ASP B 39 8.05 40.01 22.99
N ASP B 40 6.91 39.31 22.96
CA ASP B 40 6.80 38.01 23.62
C ASP B 40 6.83 36.85 22.64
N THR B 41 7.24 37.10 21.39
CA THR B 41 7.16 36.04 20.39
C THR B 41 8.34 35.11 20.51
N SER B 42 9.53 35.68 20.67
CA SER B 42 10.70 34.86 20.94
C SER B 42 10.51 33.93 22.15
N MET B 43 9.85 34.40 23.20
CA MET B 43 9.64 33.52 24.34
C MET B 43 8.61 32.47 23.96
N ALA B 44 7.60 32.84 23.19
CA ALA B 44 6.62 31.83 22.68
C ALA B 44 7.27 30.71 21.82
N ILE B 45 8.27 31.05 21.01
CA ILE B 45 8.99 30.10 20.20
C ILE B 45 9.57 29.06 21.12
N LEU B 46 10.37 29.52 22.08
CA LEU B 46 11.03 28.66 23.06
C LEU B 46 10.04 27.83 23.87
N SER B 47 8.93 28.42 24.26
CA SER B 47 7.92 27.64 24.96
C SER B 47 7.36 26.49 24.15
N MET B 48 7.14 26.71 22.86
CA MET B 48 6.54 25.64 22.04
C MET B 48 7.49 24.47 21.82
N LEU B 49 8.76 24.77 21.60
CA LEU B 49 9.68 23.69 21.33
C LEU B 49 9.77 22.80 22.59
N GLN B 50 9.65 23.45 23.74
CA GLN B 50 9.81 22.76 24.99
C GLN B 50 8.62 21.94 25.32
N ASP B 51 7.42 22.41 24.99
CA ASP B 51 6.21 21.62 25.18
C ASP B 51 6.19 20.45 24.20
N MET B 52 6.89 20.54 23.07
CA MET B 52 6.92 19.38 22.16
C MET B 52 8.14 18.55 22.50
N ASN B 53 8.88 19.01 23.50
CA ASN B 53 9.93 18.22 24.12
C ASN B 53 11.15 18.01 23.22
N PHE B 54 11.36 18.95 22.30
CA PHE B 54 12.49 18.89 21.38
C PHE B 54 13.80 19.25 22.05
N ILE B 55 13.73 20.13 23.02
CA ILE B 55 14.93 20.53 23.69
C ILE B 55 15.65 19.34 24.41
N ASN B 56 14.93 18.56 25.20
CA ASN B 56 15.53 17.41 25.89
C ASN B 56 15.72 16.22 24.99
N ASN B 57 14.76 16.00 24.10
CA ASN B 57 14.88 14.95 23.10
C ASN B 57 16.15 15.06 22.26
N TYR B 58 16.48 16.25 21.77
CA TYR B 58 17.68 16.40 20.95
C TYR B 58 18.87 17.05 21.62
N LYS B 59 18.78 17.32 22.91
CA LYS B 59 19.94 17.75 23.67
C LYS B 59 20.39 19.10 23.18
N ILE B 60 19.43 19.98 22.91
CA ILE B 60 19.74 21.29 22.37
C ILE B 60 20.20 22.21 23.49
N ASP B 61 21.33 22.89 23.29
CA ASP B 61 21.80 23.90 24.24
C ASP B 61 20.92 25.16 24.19
N CYS B 62 20.35 25.57 25.33
CA CYS B 62 19.45 26.75 25.38
C CYS B 62 20.04 28.08 24.91
N PRO B 63 21.30 28.38 25.30
CA PRO B 63 21.96 29.61 24.83
C PRO B 63 22.04 29.64 23.32
N THR B 64 22.41 28.52 22.71
CA THR B 64 22.44 28.42 21.27
C THR B 64 21.03 28.56 20.69
N LEU B 65 20.08 27.85 21.30
CA LEU B 65 18.71 27.93 20.87
C LEU B 65 18.21 29.36 20.91
N ALA B 66 18.34 30.03 22.06
CA ALA B 66 17.83 31.40 22.14
C ALA B 66 18.59 32.36 21.20
N ARG B 67 19.91 32.22 21.09
CA ARG B 67 20.59 32.99 20.08
C ARG B 67 20.02 32.69 18.68
N PHE B 68 19.90 31.42 18.33
CA PHE B 68 19.38 31.10 17.00
C PHE B 68 17.98 31.73 16.73
N CYS B 69 17.09 31.76 17.72
CA CYS B 69 15.78 32.39 17.49
C CYS B 69 15.89 33.86 17.16
N LEU B 70 16.83 34.52 17.81
CA LEU B 70 16.96 35.97 17.72
C LEU B 70 17.53 36.35 16.37
N MET B 71 18.53 35.60 15.91
CA MET B 71 19.07 35.75 14.56
C MET B 71 18.06 35.42 13.47
N VAL B 72 17.15 34.50 13.74
CA VAL B 72 16.11 34.22 12.79
C VAL B 72 15.18 35.43 12.75
N LYS B 73 14.54 35.74 13.85
CA LYS B 73 13.76 36.98 13.97
C LYS B 73 14.44 38.18 13.29
N LYS B 74 15.74 38.35 13.51
CA LYS B 74 16.49 39.46 12.92
C LYS B 74 16.57 39.33 11.41
N GLY B 75 16.56 38.12 10.87
CA GLY B 75 16.75 37.98 9.42
C GLY B 75 15.52 38.27 8.56
N TYR B 76 14.42 38.70 9.19
CA TYR B 76 13.23 39.23 8.51
C TYR B 76 13.23 40.76 8.48
N ARG B 77 12.80 41.32 7.33
CA ARG B 77 12.66 42.76 7.12
C ARG B 77 11.24 43.17 7.44
N ASP B 78 10.81 44.38 7.07
CA ASP B 78 9.44 44.80 7.45
C ASP B 78 8.59 45.12 6.25
N PRO B 79 8.46 44.19 5.31
CA PRO B 79 7.41 44.50 4.35
C PRO B 79 6.14 44.42 5.17
N PRO B 80 4.98 44.85 4.61
CA PRO B 80 3.70 44.79 5.34
C PRO B 80 3.27 43.37 5.77
N TYR B 81 3.64 42.34 5.00
CA TYR B 81 3.12 41.02 5.32
C TYR B 81 4.18 39.98 5.66
N HIS B 82 5.12 39.75 4.73
CA HIS B 82 6.20 38.78 4.92
C HIS B 82 7.29 39.27 5.89
N ASN B 83 6.88 39.48 7.14
CA ASN B 83 7.80 39.87 8.18
C ASN B 83 7.73 38.86 9.31
N TRP B 84 8.51 39.10 10.37
CA TRP B 84 8.61 38.14 11.45
C TRP B 84 7.28 37.65 11.99
N MET B 85 6.28 38.52 12.05
CA MET B 85 5.01 38.08 12.61
C MET B 85 4.33 37.07 11.70
N HIS B 86 4.70 37.06 10.43
CA HIS B 86 4.13 36.02 9.55
C HIS B 86 4.80 34.68 9.86
N ALA B 87 6.15 34.67 9.84
CA ALA B 87 6.94 33.51 10.30
C ALA B 87 6.53 32.97 11.68
N PHE B 88 6.34 33.87 12.64
CA PHE B 88 5.90 33.46 13.96
C PHE B 88 4.49 32.86 13.96
N SER B 89 3.55 33.42 13.25
CA SER B 89 2.22 32.81 13.33
C SER B 89 2.17 31.55 12.51
N VAL B 90 3.04 31.45 11.50
CA VAL B 90 3.22 30.18 10.77
C VAL B 90 3.72 29.07 11.68
N SER B 91 4.82 29.33 12.41
CA SER B 91 5.34 28.42 13.43
C SER B 91 4.30 27.98 14.43
N HIS B 92 3.53 28.94 14.93
CA HIS B 92 2.51 28.63 15.91
C HIS B 92 1.54 27.63 15.35
N PHE B 93 1.10 27.85 14.11
CA PHE B 93 0.17 26.89 13.54
C PHE B 93 0.80 25.48 13.45
N CYS B 94 2.12 25.40 13.30
CA CYS B 94 2.72 24.08 13.19
C CYS B 94 2.62 23.38 14.58
N TYR B 95 2.80 24.17 15.64
CA TYR B 95 2.62 23.68 17.00
C TYR B 95 1.15 23.26 17.22
N LEU B 96 0.20 24.02 16.69
CA LEU B 96 -1.19 23.58 16.77
C LEU B 96 -1.34 22.23 16.13
N LEU B 97 -0.70 22.01 15.00
CA LEU B 97 -0.91 20.72 14.35
C LEU B 97 -0.35 19.61 15.21
N TYR B 98 0.88 19.81 15.70
CA TYR B 98 1.46 18.87 16.62
C TYR B 98 0.43 18.44 17.70
N LYS B 99 -0.03 19.43 18.47
CA LYS B 99 -0.91 19.20 19.63
C LYS B 99 -2.29 18.67 19.25
N ASN B 100 -2.90 19.20 18.21
CA ASN B 100 -4.29 18.82 17.93
C ASN B 100 -4.45 17.57 17.07
N LEU B 101 -3.44 17.24 16.28
CA LEU B 101 -3.63 16.15 15.33
C LEU B 101 -2.83 14.92 15.68
N GLU B 102 -2.00 15.00 16.71
CA GLU B 102 -1.10 13.89 17.06
C GLU B 102 -0.22 13.51 15.87
N LEU B 103 0.74 14.36 15.55
CA LEU B 103 1.57 14.17 14.37
C LEU B 103 2.56 13.04 14.56
N THR B 104 2.87 12.73 15.82
CA THR B 104 3.83 11.68 16.18
C THR B 104 3.36 10.30 15.72
N ASN B 105 2.04 10.14 15.57
CA ASN B 105 1.53 8.94 14.94
C ASN B 105 1.84 8.79 13.45
N TYR B 106 2.16 9.89 12.77
CA TYR B 106 2.31 9.89 11.30
C TYR B 106 3.73 10.11 10.79
N LEU B 107 4.53 10.83 11.58
CA LEU B 107 5.85 11.27 11.16
C LEU B 107 6.88 10.97 12.24
N GLU B 108 8.14 10.85 11.85
CA GLU B 108 9.25 10.73 12.79
C GLU B 108 9.44 12.02 13.61
N ASP B 109 10.13 11.92 14.74
CA ASP B 109 10.39 13.11 15.52
C ASP B 109 11.26 14.05 14.72
N ILE B 110 12.23 13.50 14.03
CA ILE B 110 13.12 14.34 13.28
C ILE B 110 12.46 15.18 12.16
N GLU B 111 11.36 14.65 11.60
CA GLU B 111 10.62 15.31 10.53
C GLU B 111 9.67 16.38 11.07
N ILE B 112 9.09 16.14 12.23
CA ILE B 112 8.29 17.17 12.87
C ILE B 112 9.21 18.31 13.32
N PHE B 113 10.33 17.97 13.90
CA PHE B 113 11.31 18.99 14.26
C PHE B 113 11.72 19.89 13.07
N ALA B 114 12.26 19.30 12.01
CA ALA B 114 12.56 19.99 10.77
C ALA B 114 11.42 20.84 10.26
N LEU B 115 10.20 20.34 10.33
CA LEU B 115 9.05 21.09 9.89
C LEU B 115 8.88 22.37 10.72
N PHE B 116 8.99 22.25 12.04
CA PHE B 116 8.95 23.46 12.90
C PHE B 116 10.10 24.48 12.65
N ILE B 117 11.33 24.01 12.53
CA ILE B 117 12.45 24.93 12.30
C ILE B 117 12.30 25.57 10.91
N SER B 118 11.88 24.76 9.93
CA SER B 118 11.56 25.24 8.60
C SER B 118 10.47 26.33 8.59
N CYS B 119 9.42 26.18 9.40
CA CYS B 119 8.41 27.25 9.54
C CYS B 119 8.99 28.60 9.98
N MET B 120 9.92 28.59 10.91
CA MET B 120 10.47 29.83 11.38
C MET B 120 11.31 30.43 10.27
N CYS B 121 11.98 29.58 9.52
CA CYS B 121 12.99 30.06 8.60
C CYS B 121 12.48 30.34 7.19
N HIS B 122 11.20 30.08 6.91
CA HIS B 122 10.82 29.76 5.52
C HIS B 122 10.69 30.99 4.56
N ASP B 123 10.74 32.20 5.11
CA ASP B 123 10.59 33.43 4.30
C ASP B 123 11.74 34.40 4.64
N LEU B 124 12.87 33.88 5.10
CA LEU B 124 13.93 34.78 5.56
C LEU B 124 14.39 35.76 4.47
N ASP B 125 14.57 37.02 4.89
CA ASP B 125 15.05 38.07 3.99
C ASP B 125 14.03 38.30 2.87
N HIS B 126 12.74 38.15 3.17
CA HIS B 126 11.75 38.44 2.16
C HIS B 126 11.74 39.96 1.92
N ARG B 127 11.63 40.38 0.68
CA ARG B 127 11.84 41.78 0.37
C ARG B 127 10.48 42.48 0.16
N GLY B 128 9.40 41.72 0.28
CA GLY B 128 8.07 42.17 -0.12
C GLY B 128 7.79 42.11 -1.63
N THR B 129 8.54 41.29 -2.39
CA THR B 129 8.36 41.16 -3.85
C THR B 129 8.44 39.69 -4.30
N ASN B 130 7.63 39.26 -5.26
CA ASN B 130 7.62 37.82 -5.61
C ASN B 130 8.71 37.35 -6.57
N GLY B 149 12.54 26.51 -11.18
CA GLY B 149 11.80 27.57 -10.49
C GLY B 149 12.28 27.92 -9.07
N SER B 150 11.35 28.36 -8.22
CA SER B 150 11.56 28.53 -6.78
C SER B 150 12.76 29.38 -6.36
N VAL B 151 13.03 30.47 -7.08
CA VAL B 151 14.18 31.32 -6.77
C VAL B 151 14.12 31.91 -5.37
N MET B 152 13.00 32.54 -4.98
CA MET B 152 12.88 33.15 -3.62
C MET B 152 13.14 32.07 -2.55
N GLU B 153 12.54 30.91 -2.72
CA GLU B 153 12.64 29.87 -1.71
C GLU B 153 14.04 29.33 -1.46
N ARG B 154 14.85 29.21 -2.53
CA ARG B 154 16.26 28.83 -2.43
C ARG B 154 16.99 29.88 -1.64
N HIS B 155 16.62 31.13 -1.83
CA HIS B 155 17.25 32.21 -1.11
C HIS B 155 16.85 32.11 0.37
N HIS B 156 15.64 31.68 0.67
CA HIS B 156 15.27 31.62 2.08
C HIS B 156 16.06 30.51 2.75
N PHE B 157 16.19 29.39 2.07
CA PHE B 157 16.96 28.28 2.61
C PHE B 157 18.44 28.67 2.77
N ALA B 158 19.00 29.29 1.75
CA ALA B 158 20.37 29.72 1.88
C ALA B 158 20.56 30.67 3.07
N GLN B 159 19.57 31.50 3.40
CA GLN B 159 19.71 32.38 4.59
C GLN B 159 19.64 31.58 5.86
N ALA B 160 18.82 30.53 5.86
CA ALA B 160 18.71 29.70 7.05
C ALA B 160 20.07 29.08 7.36
N ILE B 161 20.70 28.45 6.37
CA ILE B 161 22.03 27.89 6.46
C ILE B 161 23.10 28.91 6.94
N ALA B 162 23.14 30.10 6.34
CA ALA B 162 24.08 31.12 6.80
C ALA B 162 23.91 31.42 8.29
N ILE B 163 22.69 31.48 8.81
CA ILE B 163 22.55 31.64 10.27
C ILE B 163 23.16 30.47 11.04
N LEU B 164 22.99 29.25 10.53
CA LEU B 164 23.49 28.08 11.24
C LEU B 164 25.00 28.16 11.38
N ASN B 165 25.65 28.54 10.28
CA ASN B 165 27.11 28.57 10.18
C ASN B 165 27.73 29.80 10.86
N THR B 166 26.92 30.50 11.63
CA THR B 166 27.40 31.60 12.42
C THR B 166 27.90 31.01 13.76
N HIS B 167 29.02 31.51 14.25
CA HIS B 167 29.55 31.07 15.54
C HIS B 167 28.46 31.32 16.60
N GLY B 168 28.07 30.28 17.33
CA GLY B 168 27.17 30.43 18.48
C GLY B 168 25.72 30.10 18.19
N CYS B 169 25.39 30.04 16.90
CA CYS B 169 24.00 29.80 16.48
C CYS B 169 23.72 28.41 15.89
N ASN B 170 24.66 27.48 15.91
CA ASN B 170 24.35 26.17 15.29
C ASN B 170 23.67 25.18 16.21
N ILE B 171 22.35 25.21 16.26
CA ILE B 171 21.66 24.36 17.19
C ILE B 171 21.78 22.87 16.87
N PHE B 172 22.39 22.53 15.73
CA PHE B 172 22.61 21.11 15.37
C PHE B 172 24.09 20.66 15.39
N ASP B 173 25.01 21.50 15.87
CA ASP B 173 26.43 21.11 15.79
C ASP B 173 26.80 19.85 16.58
N HIS B 174 25.92 19.40 17.46
CA HIS B 174 26.17 18.17 18.17
C HIS B 174 25.61 16.91 17.48
N PHE B 175 24.79 17.06 16.44
CA PHE B 175 24.20 15.95 15.68
C PHE B 175 25.23 15.10 14.98
N SER B 176 24.92 13.82 14.80
CA SER B 176 25.77 12.96 13.99
C SER B 176 25.76 13.49 12.58
N ARG B 177 26.80 13.13 11.84
CA ARG B 177 26.98 13.60 10.47
C ARG B 177 25.89 13.00 9.57
N LYS B 178 25.41 11.81 9.92
CA LYS B 178 24.23 11.26 9.25
C LYS B 178 23.00 12.16 9.55
N ASP B 179 22.81 12.55 10.80
CA ASP B 179 21.61 13.31 11.16
C ASP B 179 21.61 14.79 10.74
N TYR B 180 22.77 15.43 10.81
CA TYR B 180 22.92 16.78 10.36
C TYR B 180 22.60 16.94 8.88
N GLN B 181 22.93 15.94 8.07
CA GLN B 181 22.51 15.97 6.67
C GLN B 181 21.02 15.75 6.50
N ARG B 182 20.49 14.73 7.16
CA ARG B 182 19.04 14.45 7.17
C ARG B 182 18.27 15.76 7.51
N MET B 183 18.67 16.43 8.59
CA MET B 183 18.10 17.70 9.05
C MET B 183 18.12 18.78 7.94
N LEU B 184 19.29 19.06 7.39
CA LEU B 184 19.42 20.00 6.27
C LEU B 184 18.58 19.62 5.04
N ASP B 185 18.50 18.35 4.70
CA ASP B 185 17.73 17.98 3.50
C ASP B 185 16.26 18.11 3.76
N LEU B 186 15.82 17.84 4.97
CA LEU B 186 14.45 18.11 5.31
C LEU B 186 14.19 19.60 5.19
N MET B 187 15.06 20.44 5.73
CA MET B 187 14.75 21.84 5.70
C MET B 187 14.68 22.31 4.24
N ARG B 188 15.65 21.91 3.45
CA ARG B 188 15.60 22.28 2.06
C ARG B 188 14.28 21.85 1.40
N ASP B 189 13.90 20.58 1.50
CA ASP B 189 12.67 20.15 0.84
C ASP B 189 11.38 20.84 1.37
N ILE B 190 11.34 21.15 2.66
CA ILE B 190 10.12 21.71 3.24
C ILE B 190 10.02 23.18 2.80
N ILE B 191 11.13 23.92 2.86
CA ILE B 191 11.14 25.32 2.44
C ILE B 191 10.79 25.48 0.91
N LEU B 192 11.25 24.57 0.07
CA LEU B 192 10.94 24.67 -1.37
C LEU B 192 9.47 24.29 -1.59
N ALA B 193 8.92 23.51 -0.67
CA ALA B 193 7.53 23.17 -0.88
C ALA B 193 6.64 24.35 -0.65
N THR B 194 7.18 25.53 -0.29
CA THR B 194 6.29 26.67 -0.03
C THR B 194 6.08 27.55 -1.26
N ASP B 195 6.72 27.14 -2.38
CA ASP B 195 6.51 27.77 -3.69
C ASP B 195 5.14 27.30 -4.19
N LEU B 196 4.28 28.18 -4.65
CA LEU B 196 3.01 27.69 -5.15
C LEU B 196 3.17 26.75 -6.37
N ALA B 197 4.18 27.01 -7.20
CA ALA B 197 4.49 26.12 -8.35
C ALA B 197 4.72 24.67 -7.93
N HIS B 198 5.55 24.46 -6.89
CA HIS B 198 5.82 23.12 -6.38
C HIS B 198 4.55 22.45 -5.89
N HIS B 199 3.69 23.23 -5.22
CA HIS B 199 2.44 22.70 -4.69
C HIS B 199 1.47 22.29 -5.81
N LEU B 200 1.39 23.11 -6.85
CA LEU B 200 0.54 22.71 -7.99
C LEU B 200 1.08 21.43 -8.63
N ARG B 201 2.40 21.39 -8.89
CA ARG B 201 3.03 20.13 -9.39
C ARG B 201 2.61 18.91 -8.62
N ILE B 202 2.65 18.94 -7.29
CA ILE B 202 2.43 17.72 -6.47
C ILE B 202 0.98 17.48 -6.10
N PHE B 203 0.08 18.34 -6.52
CA PHE B 203 -1.29 18.30 -5.96
C PHE B 203 -2.01 17.00 -6.24
N LYS B 204 -1.81 16.52 -7.46
CA LYS B 204 -2.42 15.26 -7.92
C LYS B 204 -1.90 14.07 -7.10
N ASP B 205 -0.58 14.04 -6.89
CA ASP B 205 -0.01 13.13 -5.88
C ASP B 205 -0.64 13.23 -4.48
N LEU B 206 -0.94 14.43 -4.00
CA LEU B 206 -1.54 14.57 -2.69
C LEU B 206 -2.95 14.02 -2.60
N GLN B 207 -3.70 14.08 -3.70
CA GLN B 207 -5.10 13.53 -3.71
C GLN B 207 -5.05 12.03 -3.81
N LYS B 208 -4.18 11.54 -4.70
CA LYS B 208 -3.76 10.13 -4.69
C LYS B 208 -3.57 9.69 -3.24
N MET B 209 -2.69 10.39 -2.52
CA MET B 209 -2.39 10.07 -1.14
C MET B 209 -3.60 10.03 -0.21
N ALA B 210 -4.56 10.95 -0.37
CA ALA B 210 -5.73 10.94 0.54
C ALA B 210 -6.86 10.05 -0.01
N GLU B 211 -6.60 9.45 -1.17
CA GLU B 211 -7.51 8.48 -1.74
C GLU B 211 -7.03 7.13 -1.21
N VAL B 212 -5.82 6.75 -1.64
CA VAL B 212 -5.21 5.44 -1.33
C VAL B 212 -4.94 5.23 0.17
N GLY B 213 -5.02 6.29 0.97
CA GLY B 213 -4.86 6.17 2.44
C GLY B 213 -3.42 6.33 2.92
N TYR B 214 -3.25 6.85 4.13
CA TYR B 214 -1.90 7.15 4.63
C TYR B 214 -1.13 5.93 5.12
N ASP B 215 -0.05 5.61 4.41
CA ASP B 215 0.80 4.49 4.79
C ASP B 215 1.95 4.98 5.69
N ARG B 216 1.75 4.86 7.00
CA ARG B 216 2.79 4.99 8.04
C ARG B 216 4.19 4.65 7.54
N ASN B 217 4.27 3.57 6.75
CA ASN B 217 5.55 2.92 6.44
C ASN B 217 6.04 3.27 5.06
N ASN B 218 5.25 4.09 4.37
CA ASN B 218 5.55 4.49 3.01
C ASN B 218 6.29 5.81 3.02
N LYS B 219 7.53 5.80 2.52
CA LYS B 219 8.35 6.99 2.51
C LYS B 219 7.73 8.14 1.73
N GLN B 220 7.19 7.88 0.54
CA GLN B 220 6.64 8.97 -0.29
C GLN B 220 5.48 9.68 0.39
N HIS B 221 4.78 8.93 1.22
CA HIS B 221 3.72 9.49 2.00
C HIS B 221 4.23 10.53 3.04
N HIS B 222 5.37 10.25 3.66
CA HIS B 222 5.89 11.18 4.65
C HIS B 222 6.25 12.48 3.94
N ARG B 223 6.91 12.33 2.80
CA ARG B 223 7.42 13.49 2.14
C ARG B 223 6.28 14.36 1.61
N LEU B 224 5.20 13.75 1.14
CA LEU B 224 4.06 14.52 0.70
C LEU B 224 3.31 15.13 1.88
N LEU B 225 3.14 14.37 2.93
CA LEU B 225 2.47 14.94 4.07
C LEU B 225 3.25 16.15 4.63
N LEU B 226 4.57 16.09 4.60
CA LEU B 226 5.33 17.24 5.05
C LEU B 226 4.99 18.47 4.23
N CYS B 227 4.80 18.31 2.93
CA CYS B 227 4.60 19.45 2.03
C CYS B 227 3.26 20.02 2.29
N LEU B 228 2.30 19.12 2.46
CA LEU B 228 0.93 19.50 2.74
C LEU B 228 0.82 20.30 4.05
N LEU B 229 1.48 19.84 5.11
CA LEU B 229 1.43 20.55 6.39
C LEU B 229 2.07 21.93 6.30
N MET B 230 3.10 22.07 5.49
CA MET B 230 3.82 23.33 5.42
C MET B 230 2.98 24.38 4.69
N THR B 231 2.33 24.02 3.59
CA THR B 231 1.50 25.02 2.95
C THR B 231 0.32 25.40 3.83
N SER B 232 -0.16 24.46 4.66
CA SER B 232 -1.27 24.75 5.57
C SER B 232 -0.91 25.73 6.63
N CYS B 233 0.28 25.56 7.18
CA CYS B 233 0.87 26.53 8.07
C CYS B 233 1.02 27.88 7.36
N ASP B 234 1.57 27.88 6.14
CA ASP B 234 1.85 29.12 5.40
C ASP B 234 0.60 29.94 5.18
N LEU B 235 -0.57 29.30 5.16
CA LEU B 235 -1.83 29.94 4.84
C LEU B 235 -2.77 30.01 6.03
N SER B 236 -2.30 29.72 7.23
CA SER B 236 -3.22 29.51 8.32
C SER B 236 -3.89 30.81 8.73
N ASP B 237 -3.33 31.94 8.31
CA ASP B 237 -3.99 33.22 8.61
C ASP B 237 -5.45 33.21 8.10
N GLN B 238 -5.81 32.30 7.19
CA GLN B 238 -7.19 32.26 6.66
C GLN B 238 -8.14 31.34 7.43
N THR B 239 -7.68 30.76 8.53
CA THR B 239 -8.46 29.77 9.29
C THR B 239 -8.93 30.36 10.62
N LYS B 240 -8.78 31.67 10.77
CA LYS B 240 -9.21 32.38 11.96
C LYS B 240 -10.55 33.06 11.67
N GLY B 241 -10.83 34.23 12.22
CA GLY B 241 -12.12 34.83 11.93
C GLY B 241 -12.03 35.83 10.80
N TRP B 242 -13.10 36.59 10.61
CA TRP B 242 -13.17 37.55 9.54
C TRP B 242 -12.26 38.76 9.85
N LYS B 243 -12.08 39.02 11.13
CA LYS B 243 -11.21 40.09 11.56
C LYS B 243 -9.80 39.84 11.02
N THR B 244 -9.36 38.58 11.08
CA THR B 244 -8.00 38.24 10.72
C THR B 244 -7.87 38.24 9.21
N THR B 245 -8.89 37.73 8.52
CA THR B 245 -8.88 37.74 7.07
C THR B 245 -8.84 39.15 6.47
N ARG B 246 -9.67 40.04 7.02
CA ARG B 246 -9.79 41.39 6.52
C ARG B 246 -8.42 42.06 6.56
N LYS B 247 -7.80 41.97 7.73
CA LYS B 247 -6.50 42.58 7.98
C LYS B 247 -5.35 41.95 7.20
N ILE B 248 -5.32 40.63 7.08
CA ILE B 248 -4.22 40.02 6.32
C ILE B 248 -4.31 40.49 4.87
N ALA B 249 -5.54 40.73 4.42
CA ALA B 249 -5.79 41.17 3.04
C ALA B 249 -5.32 42.62 2.80
N GLU B 250 -5.45 43.44 3.83
CA GLU B 250 -4.88 44.79 3.73
C GLU B 250 -3.40 44.63 3.49
N LEU B 251 -2.77 43.85 4.38
CA LEU B 251 -1.31 43.75 4.44
C LEU B 251 -0.74 43.18 3.15
N ILE B 252 -1.45 42.22 2.57
CA ILE B 252 -0.98 41.62 1.35
C ILE B 252 -1.14 42.56 0.13
N TYR B 253 -2.25 43.29 0.01
CA TYR B 253 -2.41 44.21 -1.15
C TYR B 253 -1.53 45.46 -1.03
N LYS B 254 -1.34 45.91 0.21
CA LYS B 254 -0.36 46.92 0.52
C LYS B 254 1.02 46.41 0.06
N GLU B 255 1.26 45.12 0.12
CA GLU B 255 2.56 44.60 -0.33
C GLU B 255 2.59 44.45 -1.85
N PHE B 256 1.52 43.88 -2.42
CA PHE B 256 1.42 43.64 -3.86
C PHE B 256 1.50 44.96 -4.64
N PHE B 257 0.82 45.98 -4.15
CA PHE B 257 0.72 47.26 -4.84
C PHE B 257 2.08 47.99 -4.95
N SER B 258 2.82 48.11 -3.83
CA SER B 258 4.23 48.54 -3.83
C SER B 258 5.04 47.92 -4.93
N GLN B 259 4.92 46.62 -5.11
CA GLN B 259 5.68 45.99 -6.17
C GLN B 259 5.21 46.39 -7.58
N GLY B 260 3.91 46.66 -7.73
CA GLY B 260 3.37 47.21 -8.96
C GLY B 260 3.94 48.60 -9.23
N ASP B 261 3.80 49.49 -8.25
CA ASP B 261 4.35 50.86 -8.30
C ASP B 261 5.82 50.92 -8.71
N LEU B 262 6.57 49.90 -8.32
CA LEU B 262 7.99 49.86 -8.59
C LEU B 262 8.10 49.37 -10.02
N GLU B 263 7.24 48.41 -10.40
CA GLU B 263 7.21 47.98 -11.78
C GLU B 263 6.88 49.17 -12.69
N LYS B 264 5.93 50.01 -12.27
CA LYS B 264 5.52 51.17 -13.08
C LYS B 264 6.58 52.28 -13.22
N ALA B 265 7.35 52.51 -12.15
CA ALA B 265 8.48 53.48 -12.21
C ALA B 265 9.62 52.93 -13.06
N MET B 266 9.98 51.67 -12.84
CA MET B 266 10.95 51.01 -13.72
C MET B 266 10.41 50.96 -15.16
N GLY B 267 9.25 51.57 -15.40
CA GLY B 267 8.63 51.50 -16.72
C GLY B 267 8.31 50.08 -17.19
N ASN B 268 7.74 49.29 -16.31
CA ASN B 268 7.21 47.99 -16.71
C ASN B 268 5.72 47.96 -16.37
N ARG B 269 5.02 46.93 -16.86
CA ARG B 269 3.60 46.82 -16.60
C ARG B 269 3.32 45.61 -15.70
N PRO B 270 2.95 45.89 -14.44
CA PRO B 270 2.68 44.87 -13.44
C PRO B 270 1.47 44.03 -13.84
N MET B 271 1.50 42.73 -13.53
CA MET B 271 0.32 41.93 -13.74
C MET B 271 -0.85 42.56 -12.97
N GLU B 272 -2.07 42.26 -13.38
CA GLU B 272 -3.22 43.00 -12.90
C GLU B 272 -3.35 43.05 -11.37
N MET B 273 -3.22 41.90 -10.71
CA MET B 273 -3.40 41.83 -9.26
C MET B 273 -2.36 42.63 -8.49
N MET B 274 -1.38 43.20 -9.20
CA MET B 274 -0.35 44.04 -8.57
C MET B 274 -0.57 45.52 -8.85
N ASP B 275 -1.28 45.82 -9.93
CA ASP B 275 -1.65 47.20 -10.31
C ASP B 275 -2.81 47.67 -9.46
N ARG B 276 -2.58 48.67 -8.62
CA ARG B 276 -3.64 49.21 -7.76
C ARG B 276 -4.75 49.95 -8.52
N GLU B 277 -4.59 50.13 -9.82
CA GLU B 277 -5.63 50.79 -10.61
C GLU B 277 -6.52 49.77 -11.31
N LYS B 278 -6.10 48.52 -11.32
CA LYS B 278 -6.87 47.49 -11.99
C LYS B 278 -7.43 46.46 -11.01
N ALA B 279 -6.66 46.13 -9.98
CA ALA B 279 -6.99 45.02 -9.08
C ALA B 279 -8.33 45.20 -8.42
N TYR B 280 -9.20 44.21 -8.55
CA TYR B 280 -10.47 44.22 -7.85
C TYR B 280 -10.49 43.17 -6.73
N ILE B 281 -10.37 43.64 -5.48
CA ILE B 281 -9.95 42.78 -4.37
C ILE B 281 -10.91 41.66 -3.96
N PRO B 282 -12.20 41.98 -3.83
CA PRO B 282 -13.10 40.91 -3.41
C PRO B 282 -13.10 39.76 -4.39
N GLU B 283 -13.11 40.05 -5.68
CA GLU B 283 -12.98 38.98 -6.63
C GLU B 283 -11.62 38.27 -6.50
N LEU B 284 -10.52 39.00 -6.35
CA LEU B 284 -9.22 38.33 -6.24
C LEU B 284 -9.16 37.35 -5.05
N GLN B 285 -9.69 37.80 -3.91
CA GLN B 285 -9.62 37.04 -2.67
C GLN B 285 -10.53 35.82 -2.77
N ILE B 286 -11.57 35.94 -3.55
CA ILE B 286 -12.50 34.83 -3.68
C ILE B 286 -11.95 33.74 -4.61
N SER B 287 -11.33 34.11 -5.71
CA SER B 287 -10.55 33.16 -6.49
C SER B 287 -9.49 32.48 -5.63
N PHE B 288 -8.68 33.28 -4.95
CA PHE B 288 -7.58 32.71 -4.20
C PHE B 288 -8.12 31.67 -3.22
N MET B 289 -9.13 32.09 -2.48
CA MET B 289 -9.76 31.24 -1.48
C MET B 289 -10.45 30.02 -2.08
N GLU B 290 -11.10 30.18 -3.23
CA GLU B 290 -11.78 29.04 -3.81
C GLU B 290 -10.79 28.07 -4.44
N HIS B 291 -9.82 28.60 -5.15
CA HIS B 291 -9.00 27.80 -6.02
C HIS B 291 -7.73 27.33 -5.36
N ILE B 292 -7.33 27.97 -4.24
CA ILE B 292 -6.05 27.66 -3.58
C ILE B 292 -6.18 27.27 -2.12
N ALA B 293 -6.76 28.13 -1.30
CA ALA B 293 -6.82 27.88 0.13
C ALA B 293 -7.76 26.75 0.47
N MET B 294 -8.98 26.80 -0.04
CA MET B 294 -9.97 25.79 0.35
C MET B 294 -9.55 24.36 0.07
N PRO B 295 -9.06 24.06 -1.15
CA PRO B 295 -8.61 22.67 -1.43
C PRO B 295 -7.47 22.12 -0.50
N ILE B 296 -6.55 22.99 -0.10
CA ILE B 296 -5.52 22.59 0.86
C ILE B 296 -6.17 22.18 2.16
N TYR B 297 -7.10 22.96 2.67
CA TYR B 297 -7.81 22.57 3.89
C TYR B 297 -8.83 21.42 3.72
N LYS B 298 -9.24 21.15 2.47
CA LYS B 298 -10.01 19.95 2.17
C LYS B 298 -9.11 18.71 2.26
N LEU B 299 -8.02 18.67 1.49
CA LEU B 299 -7.03 17.60 1.63
C LEU B 299 -6.72 17.32 3.11
N LEU B 300 -6.42 18.37 3.86
CA LEU B 300 -6.07 18.20 5.24
C LEU B 300 -7.18 17.49 5.98
N GLN B 301 -8.42 17.82 5.66
CA GLN B 301 -9.55 17.29 6.44
C GLN B 301 -9.81 15.81 6.12
N ASP B 302 -9.40 15.41 4.91
CA ASP B 302 -9.49 14.04 4.46
C ASP B 302 -8.51 13.14 5.25
N LEU B 303 -7.31 13.64 5.50
CA LEU B 303 -6.31 12.82 6.17
C LEU B 303 -6.47 12.89 7.67
N PHE B 304 -6.99 14.01 8.16
CA PHE B 304 -7.12 14.26 9.61
C PHE B 304 -8.52 14.72 9.99
N PRO B 305 -9.44 13.77 10.15
CA PRO B 305 -10.80 14.16 10.52
C PRO B 305 -10.87 15.35 11.47
N LYS B 306 -10.02 15.42 12.49
CA LYS B 306 -10.01 16.58 13.40
C LYS B 306 -9.69 17.96 12.79
N ALA B 307 -9.31 17.98 11.50
CA ALA B 307 -9.03 19.22 10.77
C ALA B 307 -10.28 19.93 10.23
N ALA B 308 -11.45 19.37 10.51
CA ALA B 308 -12.68 19.83 9.86
C ALA B 308 -13.05 21.28 10.20
N GLU B 309 -12.81 21.69 11.44
CA GLU B 309 -13.17 23.05 11.81
C GLU B 309 -12.41 24.05 10.91
N LEU B 310 -11.11 23.82 10.70
CA LEU B 310 -10.28 24.66 9.81
C LEU B 310 -10.92 24.89 8.46
N TYR B 311 -11.22 23.79 7.75
CA TYR B 311 -11.85 23.89 6.43
C TYR B 311 -13.17 24.64 6.50
N GLU B 312 -13.97 24.35 7.52
CA GLU B 312 -15.26 25.06 7.68
C GLU B 312 -15.01 26.57 7.78
N ARG B 313 -13.98 26.93 8.56
CA ARG B 313 -13.66 28.32 8.83
C ARG B 313 -13.11 29.04 7.58
N VAL B 314 -12.46 28.30 6.68
CA VAL B 314 -11.98 28.94 5.48
C VAL B 314 -13.15 29.20 4.58
N ALA B 315 -14.04 28.21 4.46
CA ALA B 315 -15.17 28.37 3.56
C ALA B 315 -16.12 29.46 4.07
N SER B 316 -16.13 29.68 5.37
CA SER B 316 -16.91 30.75 5.93
C SER B 316 -16.35 32.11 5.54
N ASN B 317 -15.05 32.29 5.69
CA ASN B 317 -14.42 33.55 5.33
C ASN B 317 -14.57 33.84 3.83
N ARG B 318 -14.48 32.80 3.00
CA ARG B 318 -14.64 33.00 1.58
C ARG B 318 -15.99 33.65 1.29
N GLU B 319 -17.05 33.09 1.85
CA GLU B 319 -18.37 33.67 1.67
C GLU B 319 -18.53 35.09 2.25
N HIS B 320 -17.87 35.39 3.36
CA HIS B 320 -17.92 36.80 3.81
C HIS B 320 -17.51 37.72 2.68
N TRP B 321 -16.45 37.39 1.98
CA TRP B 321 -16.04 38.19 0.85
C TRP B 321 -17.20 38.43 -0.10
N THR B 322 -18.09 37.46 -0.28
CA THR B 322 -19.15 37.68 -1.28
C THR B 322 -20.20 38.66 -0.75
N LYS B 323 -20.36 38.69 0.57
CA LYS B 323 -21.43 39.47 1.10
C LYS B 323 -20.95 40.84 1.58
N VAL B 324 -19.70 41.16 1.27
CA VAL B 324 -19.21 42.51 1.51
C VAL B 324 -18.79 43.21 0.24
N SER B 325 -18.79 42.48 -0.87
CA SER B 325 -18.31 42.95 -2.16
C SER B 325 -18.86 44.29 -2.56
N HIS B 326 -20.17 44.42 -2.37
CA HIS B 326 -20.90 45.57 -2.89
C HIS B 326 -20.40 46.84 -2.24
N LYS B 327 -19.79 46.73 -1.06
CA LYS B 327 -19.21 47.90 -0.40
C LYS B 327 -18.06 48.50 -1.21
N PHE B 328 -17.62 47.80 -2.23
CA PHE B 328 -16.50 48.26 -3.05
C PHE B 328 -16.99 49.19 -4.20
N THR B 329 -18.17 49.73 -3.97
CA THR B 329 -18.67 50.79 -4.81
C THR B 329 -18.70 52.10 -3.98
N ILE B 330 -18.21 53.19 -4.56
CA ILE B 330 -18.26 54.49 -3.92
C ILE B 330 -19.70 54.99 -3.89
N ARG B 331 -20.33 54.88 -2.71
CA ARG B 331 -21.61 55.50 -2.40
C ARG B 331 -21.37 56.91 -1.88
N GLY B 332 -22.27 57.84 -2.17
CA GLY B 332 -22.06 59.22 -1.75
C GLY B 332 -20.87 59.83 -2.49
N LEU B 333 -20.22 60.81 -1.88
CA LEU B 333 -19.04 61.41 -2.50
C LEU B 333 -17.80 60.84 -1.84
N PRO B 334 -16.65 60.89 -2.54
CA PRO B 334 -15.38 60.60 -1.88
C PRO B 334 -15.18 61.44 -0.60
N SER B 335 -14.30 60.99 0.30
CA SER B 335 -14.01 61.72 1.55
C SER B 335 -13.65 63.16 1.31
N ASN B 336 -12.85 63.43 0.28
CA ASN B 336 -12.51 64.82 -0.05
C ASN B 336 -13.63 65.61 -0.70
N ASN B 337 -14.83 65.04 -0.72
CA ASN B 337 -16.02 65.72 -1.27
C ASN B 337 -16.04 66.17 -2.73
N SER B 338 -15.20 65.57 -3.58
CA SER B 338 -15.03 66.04 -4.96
C SER B 338 -15.29 64.87 -5.91
N LEU B 339 -15.59 65.18 -7.17
CA LEU B 339 -15.70 64.12 -8.17
C LEU B 339 -14.51 64.15 -9.12
N ASP B 340 -13.63 65.11 -8.89
CA ASP B 340 -12.41 65.28 -9.70
C ASP B 340 -11.68 63.99 -10.05
N PHE B 341 -11.72 63.00 -9.15
CA PHE B 341 -11.09 61.70 -9.37
C PHE B 341 -11.53 61.00 -10.66
N LEU B 342 -12.62 61.49 -11.24
CA LEU B 342 -13.24 60.90 -12.44
C LEU B 342 -12.41 61.08 -13.69
N ASP B 343 -11.66 62.17 -13.75
CA ASP B 343 -10.92 62.55 -14.96
C ASP B 343 -9.44 62.11 -14.98
N ASP C 5 23.73 3.02 -5.74
CA ASP C 5 24.14 4.26 -6.45
C ASP C 5 25.25 3.96 -7.45
N ASP C 6 26.25 3.23 -6.98
CA ASP C 6 27.45 3.04 -7.78
C ASP C 6 27.13 2.25 -9.05
N GLU C 7 26.46 1.11 -8.91
CA GLU C 7 26.04 0.31 -10.06
C GLU C 7 25.01 1.08 -10.93
N TYR C 8 24.13 1.87 -10.30
CA TYR C 8 23.19 2.70 -11.06
C TYR C 8 23.85 3.74 -11.99
N THR C 9 24.75 4.53 -11.40
CA THR C 9 25.56 5.50 -12.12
C THR C 9 26.40 4.79 -13.17
N LYS C 10 26.99 3.66 -12.82
CA LYS C 10 27.67 2.84 -13.82
C LYS C 10 26.73 2.44 -14.96
N LEU C 11 25.48 2.10 -14.65
CA LEU C 11 24.51 1.74 -15.69
C LEU C 11 24.15 2.93 -16.59
N LEU C 12 23.81 4.06 -15.98
CA LEU C 12 23.58 5.31 -16.71
C LEU C 12 24.75 5.74 -17.63
N HIS C 13 25.97 5.67 -17.14
CA HIS C 13 27.09 6.07 -17.97
C HIS C 13 27.38 5.13 -19.12
N ASP C 14 26.95 3.88 -19.04
CA ASP C 14 27.09 2.97 -20.18
C ASP C 14 26.08 3.31 -21.29
N GLY C 15 25.02 4.02 -20.93
CA GLY C 15 23.95 4.33 -21.88
C GLY C 15 23.36 3.09 -22.53
N ILE C 16 23.03 3.20 -23.81
CA ILE C 16 22.40 2.09 -24.52
C ILE C 16 23.10 1.80 -25.85
N GLN C 17 24.01 0.82 -25.87
CA GLN C 17 24.75 0.44 -27.08
C GLN C 17 23.84 -0.13 -28.20
N PRO C 18 24.23 0.09 -29.48
CA PRO C 18 23.64 -0.79 -30.50
C PRO C 18 24.01 -2.25 -30.20
N VAL C 19 23.21 -3.19 -30.67
CA VAL C 19 23.41 -4.59 -30.36
C VAL C 19 24.70 -5.16 -30.94
N ALA C 20 25.04 -4.71 -32.13
CA ALA C 20 26.24 -5.21 -32.83
C ALA C 20 27.52 -4.89 -32.07
N ALA C 21 27.49 -3.79 -31.31
CA ALA C 21 28.64 -3.35 -30.50
C ALA C 21 28.85 -4.13 -29.17
N ILE C 22 28.11 -5.22 -28.97
CA ILE C 22 28.31 -6.12 -27.82
C ILE C 22 28.94 -7.38 -28.37
N ASP C 23 28.39 -7.83 -29.48
CA ASP C 23 28.95 -8.93 -30.19
C ASP C 23 28.29 -8.86 -31.56
N SER C 24 29.08 -9.10 -32.61
CA SER C 24 28.60 -8.92 -34.00
C SER C 24 27.60 -10.02 -34.31
N ASN C 25 27.61 -11.02 -33.42
CA ASN C 25 26.81 -12.23 -33.56
C ASN C 25 25.73 -12.34 -32.44
N PHE C 26 25.54 -11.22 -31.73
CA PHE C 26 24.61 -11.14 -30.58
C PHE C 26 23.22 -11.67 -30.85
N ALA C 27 22.75 -11.53 -32.07
CA ALA C 27 21.36 -11.80 -32.39
C ALA C 27 21.21 -13.05 -33.25
N SER C 28 22.21 -13.92 -33.22
CA SER C 28 22.05 -15.24 -33.84
C SER C 28 21.72 -16.34 -32.80
N PHE C 29 20.96 -17.34 -33.25
CA PHE C 29 20.68 -18.52 -32.45
C PHE C 29 21.91 -19.26 -31.94
N THR C 30 23.11 -18.93 -32.43
CA THR C 30 24.31 -19.69 -32.07
C THR C 30 25.01 -19.00 -30.92
N TYR C 31 24.67 -17.73 -30.70
CA TYR C 31 25.22 -16.97 -29.58
C TYR C 31 24.87 -17.60 -28.17
N THR C 32 25.85 -17.59 -27.26
CA THR C 32 25.63 -18.05 -25.90
C THR C 32 25.73 -16.90 -24.91
N PRO C 33 24.59 -16.35 -24.51
CA PRO C 33 24.59 -15.22 -23.61
C PRO C 33 25.28 -15.49 -22.27
N ARG C 34 25.39 -16.75 -21.87
CA ARG C 34 26.15 -17.07 -20.63
C ARG C 34 27.64 -16.82 -20.77
N SER C 35 28.07 -16.42 -21.96
CA SER C 35 29.45 -15.98 -22.17
C SER C 35 29.62 -14.53 -21.76
N LEU C 36 28.50 -13.86 -21.50
CA LEU C 36 28.53 -12.43 -21.27
C LEU C 36 28.74 -12.16 -19.79
N PRO C 37 29.83 -11.43 -19.45
CA PRO C 37 30.17 -11.20 -18.07
C PRO C 37 29.01 -10.56 -17.34
N GLU C 38 28.80 -10.97 -16.10
CA GLU C 38 27.60 -10.58 -15.39
C GLU C 38 27.41 -9.08 -15.38
N ASP C 39 28.51 -8.36 -15.17
CA ASP C 39 28.47 -6.91 -15.05
C ASP C 39 28.11 -6.17 -16.35
N ASP C 40 27.97 -6.89 -17.46
CA ASP C 40 27.46 -6.26 -18.70
C ASP C 40 25.97 -6.58 -18.93
N THR C 41 25.46 -7.60 -18.26
CA THR C 41 24.11 -8.09 -18.52
C THR C 41 23.05 -7.00 -18.49
N SER C 42 23.09 -6.13 -17.49
CA SER C 42 22.12 -5.04 -17.37
C SER C 42 22.04 -4.11 -18.56
N MET C 43 23.21 -3.78 -19.07
CA MET C 43 23.29 -2.92 -20.22
C MET C 43 22.72 -3.65 -21.42
N ALA C 44 23.03 -4.94 -21.54
CA ALA C 44 22.51 -5.71 -22.68
C ALA C 44 20.99 -5.75 -22.66
N ILE C 45 20.40 -5.73 -21.46
CA ILE C 45 18.95 -5.68 -21.34
C ILE C 45 18.42 -4.41 -22.00
N LEU C 46 18.93 -3.24 -21.62
CA LEU C 46 18.47 -2.00 -22.25
C LEU C 46 18.63 -2.04 -23.75
N SER C 47 19.80 -2.48 -24.21
CA SER C 47 20.02 -2.67 -25.65
C SER C 47 19.00 -3.56 -26.37
N MET C 48 18.55 -4.65 -25.77
CA MET C 48 17.57 -5.41 -26.50
C MET C 48 16.27 -4.62 -26.59
N LEU C 49 15.88 -4.00 -25.49
CA LEU C 49 14.69 -3.18 -25.49
C LEU C 49 14.78 -2.04 -26.53
N GLN C 50 15.89 -1.33 -26.55
CA GLN C 50 16.12 -0.35 -27.60
C GLN C 50 16.01 -1.03 -28.97
N ASP C 51 16.72 -2.13 -29.19
CA ASP C 51 16.68 -2.76 -30.52
C ASP C 51 15.31 -3.24 -30.99
N MET C 52 14.43 -3.55 -30.06
CA MET C 52 13.08 -4.00 -30.40
C MET C 52 12.15 -2.78 -30.49
N ASN C 53 12.75 -1.62 -30.25
CA ASN C 53 12.08 -0.31 -30.33
C ASN C 53 10.98 -0.07 -29.31
N PHE C 54 11.02 -0.85 -28.24
CA PHE C 54 10.05 -0.71 -27.18
C PHE C 54 10.20 0.64 -26.47
N ILE C 55 11.41 1.11 -26.31
CA ILE C 55 11.58 2.36 -25.57
C ILE C 55 10.90 3.56 -26.27
N ASN C 56 11.10 3.70 -27.58
CA ASN C 56 10.44 4.77 -28.34
C ASN C 56 8.96 4.51 -28.50
N ASN C 57 8.61 3.27 -28.79
CA ASN C 57 7.23 2.93 -28.91
C ASN C 57 6.43 3.20 -27.63
N TYR C 58 6.93 2.88 -26.44
CA TYR C 58 6.08 3.06 -25.27
C TYR C 58 6.50 4.23 -24.43
N LYS C 59 7.35 5.07 -25.02
CA LYS C 59 7.88 6.27 -24.36
C LYS C 59 8.27 5.97 -22.91
N ILE C 60 9.05 4.91 -22.72
CA ILE C 60 9.51 4.54 -21.40
C ILE C 60 10.55 5.56 -20.97
N ASP C 61 10.42 6.10 -19.77
CA ASP C 61 11.46 6.94 -19.21
C ASP C 61 12.71 6.08 -18.91
N CYS C 62 13.88 6.47 -19.41
CA CYS C 62 15.08 5.63 -19.25
C CYS C 62 15.59 5.45 -17.84
N PRO C 63 15.57 6.51 -17.05
CA PRO C 63 16.08 6.28 -15.70
C PRO C 63 15.16 5.33 -14.94
N THR C 64 13.84 5.45 -15.12
CA THR C 64 12.90 4.51 -14.53
C THR C 64 13.22 3.12 -15.03
N LEU C 65 13.51 2.99 -16.30
CA LEU C 65 13.85 1.72 -16.86
C LEU C 65 15.17 1.20 -16.33
N ALA C 66 16.14 2.08 -16.13
CA ALA C 66 17.44 1.63 -15.63
C ALA C 66 17.29 1.13 -14.19
N ARG C 67 16.61 1.90 -13.34
CA ARG C 67 16.33 1.42 -12.00
C ARG C 67 15.53 0.08 -11.93
N PHE C 68 14.42 -0.03 -12.66
CA PHE C 68 13.67 -1.27 -12.72
C PHE C 68 14.55 -2.50 -13.03
N CYS C 69 15.38 -2.42 -14.06
CA CYS C 69 16.32 -3.49 -14.39
C CYS C 69 17.24 -3.88 -13.28
N LEU C 70 17.80 -2.90 -12.58
CA LEU C 70 18.67 -3.22 -11.45
C LEU C 70 17.92 -3.84 -10.29
N MET C 71 16.71 -3.36 -10.02
CA MET C 71 15.87 -3.96 -8.99
C MET C 71 15.60 -5.46 -9.28
N VAL C 72 15.31 -5.77 -10.55
CA VAL C 72 15.00 -7.14 -10.99
C VAL C 72 16.24 -8.00 -10.83
N LYS C 73 17.37 -7.47 -11.30
CA LYS C 73 18.62 -8.18 -11.22
C LYS C 73 18.91 -8.57 -9.79
N LYS C 74 18.64 -7.66 -8.88
CA LYS C 74 19.00 -7.93 -7.52
C LYS C 74 17.93 -8.76 -6.82
N GLY C 75 16.72 -8.78 -7.37
CA GLY C 75 15.69 -9.63 -6.80
C GLY C 75 15.96 -11.12 -6.96
N TYR C 76 17.05 -11.48 -7.64
CA TYR C 76 17.45 -12.86 -7.78
C TYR C 76 18.42 -13.26 -6.69
N ARG C 77 18.18 -14.43 -6.09
CA ARG C 77 19.16 -15.06 -5.20
C ARG C 77 20.21 -15.82 -6.01
N ASP C 78 20.95 -16.71 -5.35
CA ASP C 78 22.13 -17.27 -5.97
C ASP C 78 22.25 -18.81 -5.87
N PRO C 79 21.17 -19.57 -6.13
CA PRO C 79 21.34 -21.01 -6.24
C PRO C 79 22.12 -21.32 -7.52
N PRO C 80 22.59 -22.55 -7.67
CA PRO C 80 23.44 -22.93 -8.81
C PRO C 80 22.82 -22.64 -10.17
N TYR C 81 21.51 -22.72 -10.27
CA TYR C 81 20.89 -22.52 -11.56
C TYR C 81 19.84 -21.41 -11.64
N HIS C 82 18.91 -21.34 -10.68
CA HIS C 82 17.85 -20.32 -10.82
C HIS C 82 18.27 -18.95 -10.31
N ASN C 83 19.33 -18.41 -10.92
CA ASN C 83 19.83 -17.10 -10.56
C ASN C 83 19.69 -16.13 -11.72
N TRP C 84 20.21 -14.91 -11.54
CA TRP C 84 20.08 -13.86 -12.54
C TRP C 84 20.60 -14.24 -13.93
N MET C 85 21.75 -14.90 -14.01
CA MET C 85 22.21 -15.38 -15.31
C MET C 85 21.16 -16.24 -16.02
N HIS C 86 20.31 -16.96 -15.28
CA HIS C 86 19.28 -17.75 -15.97
C HIS C 86 18.25 -16.80 -16.54
N ALA C 87 17.78 -15.87 -15.71
CA ALA C 87 16.76 -14.97 -16.15
C ALA C 87 17.30 -14.10 -17.30
N PHE C 88 18.57 -13.73 -17.21
CA PHE C 88 19.20 -13.07 -18.34
C PHE C 88 19.23 -13.91 -19.64
N SER C 89 19.64 -15.15 -19.57
CA SER C 89 19.73 -15.90 -20.82
C SER C 89 18.34 -16.29 -21.37
N VAL C 90 17.35 -16.42 -20.51
CA VAL C 90 15.96 -16.59 -20.94
C VAL C 90 15.47 -15.34 -21.73
N SER C 91 15.76 -14.15 -21.21
CA SER C 91 15.39 -12.88 -21.87
C SER C 91 16.10 -12.69 -23.21
N HIS C 92 17.40 -12.91 -23.25
CA HIS C 92 18.08 -12.96 -24.54
C HIS C 92 17.37 -13.85 -25.55
N PHE C 93 16.93 -15.03 -25.15
CA PHE C 93 16.37 -15.92 -26.15
C PHE C 93 15.02 -15.39 -26.66
N CYS C 94 14.30 -14.68 -25.82
CA CYS C 94 13.05 -14.09 -26.24
C CYS C 94 13.38 -13.06 -27.31
N TYR C 95 14.46 -12.33 -27.08
CA TYR C 95 14.97 -11.37 -28.04
C TYR C 95 15.26 -12.00 -29.41
N LEU C 96 15.96 -13.12 -29.43
CA LEU C 96 16.34 -13.80 -30.64
C LEU C 96 15.12 -14.20 -31.42
N LEU C 97 14.05 -14.54 -30.70
CA LEU C 97 12.84 -15.03 -31.34
C LEU C 97 12.22 -13.85 -32.07
N TYR C 98 12.31 -12.68 -31.43
CA TYR C 98 11.78 -11.47 -32.03
C TYR C 98 12.58 -11.07 -33.27
N LYS C 99 13.90 -11.27 -33.24
CA LYS C 99 14.76 -10.99 -34.39
C LYS C 99 14.59 -12.06 -35.48
N ASN C 100 14.67 -13.32 -35.08
CA ASN C 100 14.82 -14.35 -36.08
C ASN C 100 13.48 -14.87 -36.56
N LEU C 101 12.45 -14.71 -35.75
CA LEU C 101 11.15 -15.29 -36.15
C LEU C 101 10.15 -14.23 -36.57
N GLU C 102 10.54 -12.96 -36.42
CA GLU C 102 9.65 -11.81 -36.69
C GLU C 102 8.25 -12.04 -36.12
N LEU C 103 8.14 -11.84 -34.81
CA LEU C 103 6.91 -12.06 -34.08
C LEU C 103 5.91 -10.94 -34.30
N THR C 104 6.44 -9.76 -34.61
CA THR C 104 5.64 -8.63 -35.09
C THR C 104 4.56 -9.08 -36.05
N ASN C 105 4.86 -10.11 -36.84
CA ASN C 105 3.86 -10.69 -37.72
C ASN C 105 2.76 -11.49 -37.04
N TYR C 106 3.00 -11.95 -35.80
CA TYR C 106 2.10 -12.96 -35.17
C TYR C 106 1.39 -12.48 -33.91
N LEU C 107 2.04 -11.54 -33.21
CA LEU C 107 1.57 -11.04 -31.93
C LEU C 107 1.56 -9.49 -31.92
N GLU C 108 0.67 -8.88 -31.14
CA GLU C 108 0.72 -7.42 -31.03
C GLU C 108 1.95 -6.92 -30.25
N ASP C 109 2.35 -5.68 -30.48
CA ASP C 109 3.50 -5.12 -29.78
C ASP C 109 3.39 -5.25 -28.26
N ILE C 110 2.21 -5.01 -27.71
CA ILE C 110 2.08 -5.02 -26.28
C ILE C 110 2.21 -6.45 -25.74
N GLU C 111 1.97 -7.45 -26.59
CA GLU C 111 2.16 -8.83 -26.15
C GLU C 111 3.63 -9.21 -26.14
N ILE C 112 4.37 -8.80 -27.16
CA ILE C 112 5.80 -9.08 -27.20
C ILE C 112 6.53 -8.36 -26.06
N PHE C 113 6.10 -7.14 -25.77
CA PHE C 113 6.69 -6.40 -24.70
C PHE C 113 6.49 -7.12 -23.37
N ALA C 114 5.27 -7.55 -23.12
CA ALA C 114 4.98 -8.32 -21.91
C ALA C 114 5.78 -9.61 -21.79
N LEU C 115 6.00 -10.31 -22.89
CA LEU C 115 6.75 -11.55 -22.85
C LEU C 115 8.18 -11.27 -22.40
N PHE C 116 8.77 -10.19 -22.89
CA PHE C 116 10.15 -9.92 -22.58
C PHE C 116 10.28 -9.47 -21.12
N ILE C 117 9.39 -8.58 -20.67
CA ILE C 117 9.40 -8.19 -19.28
C ILE C 117 9.21 -9.43 -18.37
N SER C 118 8.30 -10.31 -18.76
CA SER C 118 7.98 -11.51 -18.00
C SER C 118 9.16 -12.42 -17.91
N CYS C 119 9.96 -12.49 -18.97
CA CYS C 119 11.14 -13.35 -19.02
C CYS C 119 12.14 -12.92 -17.95
N MET C 120 12.29 -11.61 -17.86
CA MET C 120 13.17 -11.02 -16.88
C MET C 120 12.69 -11.31 -15.50
N CYS C 121 11.37 -11.27 -15.30
CA CYS C 121 10.83 -11.44 -13.95
C CYS C 121 10.41 -12.87 -13.57
N HIS C 122 10.62 -13.85 -14.43
CA HIS C 122 9.89 -15.10 -14.30
C HIS C 122 10.34 -16.07 -13.18
N ASP C 123 11.55 -15.91 -12.63
CA ASP C 123 11.97 -16.71 -11.48
C ASP C 123 12.43 -15.82 -10.28
N LEU C 124 11.74 -14.70 -10.05
CA LEU C 124 12.21 -13.79 -9.02
C LEU C 124 12.19 -14.44 -7.64
N ASP C 125 13.34 -14.32 -6.95
CA ASP C 125 13.50 -14.73 -5.57
C ASP C 125 13.34 -16.25 -5.39
N HIS C 126 13.76 -17.01 -6.42
CA HIS C 126 13.83 -18.47 -6.36
C HIS C 126 14.85 -18.87 -5.29
N ARG C 127 14.60 -19.95 -4.56
CA ARG C 127 15.55 -20.41 -3.53
C ARG C 127 16.17 -21.73 -3.89
N GLY C 128 16.06 -22.15 -5.14
CA GLY C 128 16.66 -23.41 -5.52
C GLY C 128 15.91 -24.69 -5.13
N THR C 129 14.62 -24.56 -4.84
CA THR C 129 13.79 -25.72 -4.47
C THR C 129 12.50 -25.63 -5.28
N ASN C 130 11.78 -26.73 -5.44
CA ASN C 130 10.60 -26.69 -6.29
C ASN C 130 9.31 -26.57 -5.47
N ASN C 131 8.18 -26.62 -6.16
CA ASN C 131 6.89 -26.37 -5.56
C ASN C 131 6.58 -27.40 -4.48
N SER C 132 6.84 -28.67 -4.80
CA SER C 132 6.51 -29.71 -3.86
C SER C 132 7.31 -29.57 -2.54
N PHE C 133 8.52 -29.02 -2.66
CA PHE C 133 9.35 -28.84 -1.49
C PHE C 133 8.87 -27.69 -0.60
N GLN C 134 8.26 -26.68 -1.18
CA GLN C 134 7.76 -25.56 -0.37
C GLN C 134 6.62 -26.04 0.51
N VAL C 135 5.77 -26.88 -0.04
CA VAL C 135 4.67 -27.45 0.73
C VAL C 135 5.18 -28.44 1.80
N ALA C 136 5.97 -29.41 1.38
CA ALA C 136 6.45 -30.42 2.30
C ALA C 136 7.19 -29.79 3.47
N SER C 137 7.94 -28.72 3.23
CA SER C 137 8.63 -28.08 4.34
C SER C 137 7.81 -26.97 5.02
N LYS C 138 6.54 -26.86 4.64
CA LYS C 138 5.66 -25.86 5.22
C LYS C 138 6.20 -24.44 5.24
N SER C 139 6.73 -23.96 4.10
CA SER C 139 7.33 -22.63 4.02
C SER C 139 6.23 -21.56 4.10
N VAL C 140 6.61 -20.31 4.27
CA VAL C 140 5.58 -19.26 4.24
C VAL C 140 4.97 -19.04 2.81
N LEU C 141 5.69 -19.41 1.76
CA LEU C 141 5.11 -19.35 0.43
C LEU C 141 4.03 -20.45 0.28
N ALA C 142 4.19 -21.55 0.98
CA ALA C 142 3.18 -22.58 0.92
C ALA C 142 1.90 -22.08 1.62
N ALA C 143 2.10 -21.43 2.76
CA ALA C 143 0.98 -20.89 3.52
C ALA C 143 0.16 -19.90 2.68
N LEU C 144 0.86 -18.98 2.01
CA LEU C 144 0.20 -18.05 1.06
C LEU C 144 -0.44 -18.70 -0.16
N TYR C 145 0.26 -19.61 -0.81
CA TYR C 145 -0.11 -20.00 -2.17
C TYR C 145 -0.57 -21.44 -2.38
N SER C 146 -0.29 -22.35 -1.46
CA SER C 146 -0.41 -23.76 -1.81
C SER C 146 -1.82 -24.23 -2.13
N SER C 147 -2.85 -23.48 -1.70
CA SER C 147 -4.21 -23.89 -2.02
C SER C 147 -4.58 -23.58 -3.46
N GLU C 148 -3.93 -22.61 -4.07
CA GLU C 148 -4.21 -22.34 -5.47
C GLU C 148 -3.19 -22.89 -6.48
N GLY C 149 -2.22 -23.67 -6.02
CA GLY C 149 -1.18 -24.23 -6.92
C GLY C 149 -0.14 -23.27 -7.51
N SER C 150 0.85 -23.84 -8.20
CA SER C 150 2.01 -23.11 -8.74
C SER C 150 2.60 -22.16 -7.70
N VAL C 151 2.90 -22.70 -6.51
CA VAL C 151 3.44 -21.90 -5.40
C VAL C 151 4.57 -20.95 -5.79
N MET C 152 5.68 -21.48 -6.31
CA MET C 152 6.79 -20.62 -6.65
C MET C 152 6.39 -19.57 -7.71
N GLU C 153 5.55 -19.97 -8.69
CA GLU C 153 5.19 -19.06 -9.77
C GLU C 153 4.30 -17.88 -9.34
N ARG C 154 3.47 -18.08 -8.32
CA ARG C 154 2.70 -16.94 -7.86
C ARG C 154 3.60 -16.00 -7.02
N HIS C 155 4.62 -16.55 -6.39
CA HIS C 155 5.56 -15.74 -5.67
C HIS C 155 6.32 -14.85 -6.65
N HIS C 156 6.66 -15.39 -7.80
CA HIS C 156 7.48 -14.63 -8.72
C HIS C 156 6.73 -13.48 -9.23
N PHE C 157 5.47 -13.73 -9.59
CA PHE C 157 4.60 -12.64 -10.04
C PHE C 157 4.43 -11.61 -8.94
N ALA C 158 4.18 -12.08 -7.72
CA ALA C 158 3.96 -11.10 -6.67
C ALA C 158 5.21 -10.23 -6.43
N GLN C 159 6.39 -10.80 -6.59
CA GLN C 159 7.64 -10.06 -6.47
C GLN C 159 7.83 -9.06 -7.62
N ALA C 160 7.36 -9.41 -8.83
CA ALA C 160 7.48 -8.49 -9.97
C ALA C 160 6.57 -7.31 -9.71
N ILE C 161 5.36 -7.60 -9.22
CA ILE C 161 4.41 -6.54 -8.89
C ILE C 161 5.03 -5.63 -7.84
N ALA C 162 5.57 -6.19 -6.77
CA ALA C 162 6.17 -5.32 -5.74
C ALA C 162 7.31 -4.39 -6.26
N ILE C 163 8.07 -4.83 -7.26
CA ILE C 163 9.11 -3.98 -7.85
C ILE C 163 8.51 -2.83 -8.62
N LEU C 164 7.51 -3.11 -9.43
CA LEU C 164 6.75 -2.05 -10.08
C LEU C 164 6.22 -0.97 -9.10
N ASN C 165 5.85 -1.36 -7.90
CA ASN C 165 5.30 -0.41 -6.98
C ASN C 165 6.31 0.14 -6.01
N THR C 166 7.59 -0.13 -6.30
CA THR C 166 8.67 0.54 -5.61
C THR C 166 8.86 1.87 -6.31
N HIS C 167 8.81 2.95 -5.54
CA HIS C 167 8.95 4.28 -6.08
C HIS C 167 10.18 4.42 -6.98
N GLY C 168 9.97 4.99 -8.14
CA GLY C 168 11.07 5.16 -9.09
C GLY C 168 11.19 4.06 -10.11
N CYS C 169 10.48 2.95 -9.91
CA CYS C 169 10.66 1.77 -10.75
C CYS C 169 9.47 1.41 -11.65
N ASN C 170 8.44 2.25 -11.68
CA ASN C 170 7.25 1.84 -12.42
C ASN C 170 7.28 2.19 -13.89
N ILE C 171 7.84 1.29 -14.71
CA ILE C 171 8.04 1.63 -16.10
C ILE C 171 6.73 1.80 -16.84
N PHE C 172 5.61 1.49 -16.20
CA PHE C 172 4.30 1.68 -16.85
C PHE C 172 3.46 2.87 -16.31
N ASP C 173 4.01 3.71 -15.44
CA ASP C 173 3.16 4.69 -14.78
C ASP C 173 2.46 5.68 -15.70
N HIS C 174 2.96 5.80 -16.92
CA HIS C 174 2.29 6.58 -17.96
C HIS C 174 1.42 5.77 -18.97
N PHE C 175 1.22 4.47 -18.78
CA PHE C 175 0.33 3.73 -19.68
C PHE C 175 -1.12 4.09 -19.42
N SER C 176 -1.94 4.11 -20.46
CA SER C 176 -3.39 4.27 -20.25
C SER C 176 -3.86 3.25 -19.22
N ARG C 177 -4.99 3.53 -18.57
CA ARG C 177 -5.60 2.55 -17.68
C ARG C 177 -5.79 1.20 -18.39
N LYS C 178 -6.29 1.25 -19.61
CA LYS C 178 -6.51 0.05 -20.37
C LYS C 178 -5.22 -0.72 -20.65
N ASP C 179 -4.22 -0.04 -21.21
CA ASP C 179 -2.92 -0.67 -21.47
C ASP C 179 -2.20 -1.15 -20.18
N TYR C 180 -2.44 -0.44 -19.08
CA TYR C 180 -1.77 -0.76 -17.85
C TYR C 180 -2.29 -2.07 -17.36
N GLN C 181 -3.60 -2.23 -17.42
CA GLN C 181 -4.18 -3.42 -16.90
C GLN C 181 -3.88 -4.62 -17.78
N ARG C 182 -3.90 -4.40 -19.09
CA ARG C 182 -3.55 -5.43 -20.05
C ARG C 182 -2.11 -5.95 -19.81
N MET C 183 -1.21 -5.08 -19.39
CA MET C 183 0.17 -5.45 -19.17
C MET C 183 0.29 -6.37 -17.95
N LEU C 184 -0.39 -6.01 -16.87
CA LEU C 184 -0.45 -6.83 -15.69
C LEU C 184 -1.06 -8.18 -15.94
N ASP C 185 -2.12 -8.22 -16.73
CA ASP C 185 -2.70 -9.50 -17.03
C ASP C 185 -1.82 -10.40 -17.86
N LEU C 186 -1.18 -9.85 -18.88
CA LEU C 186 -0.20 -10.62 -19.64
C LEU C 186 0.93 -11.11 -18.75
N MET C 187 1.54 -10.24 -17.98
CA MET C 187 2.59 -10.73 -17.11
C MET C 187 2.15 -11.87 -16.20
N ARG C 188 0.96 -11.80 -15.62
CA ARG C 188 0.51 -12.83 -14.71
C ARG C 188 0.39 -14.20 -15.39
N ASP C 189 -0.36 -14.24 -16.48
CA ASP C 189 -0.54 -15.44 -17.27
C ASP C 189 0.75 -16.04 -17.81
N ILE C 190 1.67 -15.17 -18.21
CA ILE C 190 2.89 -15.66 -18.80
C ILE C 190 3.77 -16.30 -17.75
N ILE C 191 3.85 -15.68 -16.57
CA ILE C 191 4.64 -16.22 -15.48
C ILE C 191 4.05 -17.53 -14.95
N LEU C 192 2.72 -17.61 -14.81
CA LEU C 192 2.10 -18.85 -14.36
C LEU C 192 2.26 -19.91 -15.40
N ALA C 193 2.52 -19.50 -16.63
CA ALA C 193 2.70 -20.50 -17.70
C ALA C 193 4.04 -21.19 -17.63
N THR C 194 4.96 -20.69 -16.81
CA THR C 194 6.24 -21.36 -16.63
C THR C 194 6.21 -22.66 -15.78
N ASP C 195 5.14 -22.89 -15.01
CA ASP C 195 4.96 -24.14 -14.26
C ASP C 195 4.84 -25.32 -15.25
N LEU C 196 5.70 -26.34 -15.12
CA LEU C 196 5.60 -27.53 -15.99
C LEU C 196 4.21 -28.18 -15.93
N ALA C 197 3.59 -28.11 -14.75
CA ALA C 197 2.23 -28.59 -14.55
C ALA C 197 1.25 -27.88 -15.46
N HIS C 198 1.43 -26.56 -15.59
CA HIS C 198 0.59 -25.77 -16.49
C HIS C 198 0.84 -26.16 -17.91
N HIS C 199 2.09 -26.37 -18.27
CA HIS C 199 2.39 -26.70 -19.64
C HIS C 199 1.85 -28.09 -20.04
N LEU C 200 1.90 -29.05 -19.12
CA LEU C 200 1.27 -30.34 -19.40
C LEU C 200 -0.28 -30.24 -19.62
N ARG C 201 -1.01 -29.43 -18.86
CA ARG C 201 -2.45 -29.29 -19.11
C ARG C 201 -2.72 -28.72 -20.49
N ILE C 202 -1.87 -27.82 -20.96
CA ILE C 202 -2.22 -27.13 -22.21
C ILE C 202 -1.65 -27.79 -23.48
N PHE C 203 -1.02 -28.94 -23.34
CA PHE C 203 -0.22 -29.46 -24.43
C PHE C 203 -1.05 -29.80 -25.68
N LYS C 204 -2.17 -30.48 -25.50
CA LYS C 204 -2.98 -30.85 -26.68
C LYS C 204 -3.44 -29.61 -27.48
N ASP C 205 -3.96 -28.62 -26.77
CA ASP C 205 -4.22 -27.30 -27.32
C ASP C 205 -3.08 -26.80 -28.15
N LEU C 206 -1.86 -27.04 -27.72
CA LEU C 206 -0.75 -26.51 -28.48
C LEU C 206 -0.47 -27.36 -29.72
N GLN C 207 -0.85 -28.64 -29.71
CA GLN C 207 -0.64 -29.51 -30.89
C GLN C 207 -1.76 -29.18 -31.88
N LYS C 208 -2.98 -29.19 -31.34
CA LYS C 208 -4.18 -28.83 -32.02
C LYS C 208 -4.13 -27.48 -32.70
N MET C 209 -3.05 -26.71 -32.50
CA MET C 209 -2.85 -25.38 -33.10
C MET C 209 -1.58 -25.33 -33.95
N ALA C 210 -0.55 -26.07 -33.55
CA ALA C 210 0.66 -26.13 -34.37
C ALA C 210 0.29 -26.72 -35.74
N GLU C 211 -0.56 -27.74 -35.72
CA GLU C 211 -1.46 -27.93 -36.86
C GLU C 211 -2.89 -27.56 -36.53
N VAL C 212 -3.61 -27.35 -37.63
CA VAL C 212 -4.84 -26.55 -37.75
C VAL C 212 -4.41 -25.11 -38.12
N GLY C 213 -3.15 -24.79 -37.86
CA GLY C 213 -2.56 -23.46 -38.16
C GLY C 213 -2.80 -22.32 -37.15
N TYR C 214 -1.88 -21.36 -37.13
CA TYR C 214 -2.03 -20.15 -36.31
C TYR C 214 -2.88 -19.02 -36.95
N ASP C 215 -3.93 -18.63 -36.23
CA ASP C 215 -4.89 -17.61 -36.66
C ASP C 215 -4.77 -16.29 -35.88
N ARG C 216 -4.27 -15.24 -36.53
CA ARG C 216 -4.10 -13.92 -35.88
C ARG C 216 -5.35 -13.29 -35.30
N ASN C 217 -6.50 -13.92 -35.53
CA ASN C 217 -7.74 -13.35 -35.00
C ASN C 217 -8.33 -14.15 -33.86
N ASN C 218 -7.74 -15.28 -33.53
CA ASN C 218 -8.18 -15.96 -32.34
C ASN C 218 -7.45 -15.44 -31.10
N LYS C 219 -8.20 -14.81 -30.19
CA LYS C 219 -7.58 -14.29 -28.97
C LYS C 219 -6.84 -15.44 -28.28
N GLN C 220 -7.55 -16.55 -28.17
CA GLN C 220 -7.09 -17.78 -27.53
C GLN C 220 -5.78 -18.35 -28.09
N HIS C 221 -5.57 -18.16 -29.38
CA HIS C 221 -4.31 -18.49 -30.07
C HIS C 221 -3.15 -17.58 -29.65
N HIS C 222 -3.45 -16.31 -29.41
CA HIS C 222 -2.47 -15.37 -28.94
C HIS C 222 -1.94 -15.89 -27.62
N ARG C 223 -2.84 -16.30 -26.74
CA ARG C 223 -2.53 -16.87 -25.43
C ARG C 223 -1.62 -18.09 -25.44
N LEU C 224 -2.08 -19.12 -26.15
CA LEU C 224 -1.36 -20.37 -26.32
C LEU C 224 0.00 -20.07 -26.89
N LEU C 225 0.08 -19.33 -27.97
CA LEU C 225 1.40 -18.92 -28.47
C LEU C 225 2.30 -18.26 -27.38
N LEU C 226 1.74 -17.40 -26.53
CA LEU C 226 2.54 -16.77 -25.48
C LEU C 226 3.09 -17.83 -24.48
N CYS C 227 2.28 -18.83 -24.18
CA CYS C 227 2.70 -19.91 -23.31
C CYS C 227 3.82 -20.70 -23.91
N LEU C 228 3.64 -21.09 -25.16
CA LEU C 228 4.63 -21.87 -25.89
C LEU C 228 5.95 -21.14 -26.01
N LEU C 229 5.91 -19.85 -26.25
CA LEU C 229 7.13 -19.07 -26.43
C LEU C 229 7.86 -18.92 -25.11
N MET C 230 7.12 -18.81 -24.03
CA MET C 230 7.77 -18.59 -22.73
C MET C 230 8.53 -19.86 -22.31
N THR C 231 7.93 -21.03 -22.56
CA THR C 231 8.56 -22.27 -22.15
C THR C 231 9.73 -22.55 -23.03
N SER C 232 9.67 -22.14 -24.29
CA SER C 232 10.85 -22.16 -25.18
C SER C 232 12.01 -21.35 -24.67
N CYS C 233 11.72 -20.17 -24.12
CA CYS C 233 12.77 -19.35 -23.51
C CYS C 233 13.29 -20.02 -22.23
N ASP C 234 12.40 -20.52 -21.40
CA ASP C 234 12.79 -21.12 -20.15
C ASP C 234 13.75 -22.26 -20.35
N LEU C 235 13.52 -23.06 -21.40
CA LEU C 235 14.37 -24.20 -21.73
C LEU C 235 15.48 -23.89 -22.76
N SER C 236 15.68 -22.63 -23.10
CA SER C 236 16.57 -22.34 -24.22
C SER C 236 18.06 -22.67 -24.03
N ASP C 237 18.48 -22.99 -22.80
CA ASP C 237 19.86 -23.39 -22.56
C ASP C 237 20.15 -24.74 -23.26
N GLN C 238 19.10 -25.44 -23.69
CA GLN C 238 19.26 -26.75 -24.32
C GLN C 238 19.42 -26.63 -25.86
N THR C 239 19.52 -25.42 -26.38
CA THR C 239 19.61 -25.30 -27.83
C THR C 239 20.99 -24.75 -28.27
N LYS C 240 21.96 -24.72 -27.35
CA LYS C 240 23.32 -24.32 -27.73
C LYS C 240 24.19 -25.57 -27.99
N GLY C 241 25.45 -25.55 -27.60
CA GLY C 241 26.28 -26.74 -27.80
C GLY C 241 26.27 -27.80 -26.71
N TRP C 242 26.96 -28.90 -26.97
CA TRP C 242 27.13 -29.92 -25.98
C TRP C 242 27.71 -29.25 -24.74
N LYS C 243 28.68 -28.39 -24.95
CA LYS C 243 29.34 -27.72 -23.87
C LYS C 243 28.36 -26.99 -22.96
N THR C 244 27.34 -26.35 -23.55
CA THR C 244 26.41 -25.60 -22.75
C THR C 244 25.58 -26.62 -21.99
N THR C 245 25.08 -27.61 -22.71
CA THR C 245 24.24 -28.67 -22.15
C THR C 245 24.93 -29.34 -20.96
N ARG C 246 26.15 -29.81 -21.17
CA ARG C 246 26.92 -30.37 -20.08
C ARG C 246 27.01 -29.43 -18.85
N LYS C 247 27.35 -28.16 -19.04
CA LYS C 247 27.49 -27.24 -17.91
C LYS C 247 26.18 -27.00 -17.18
N ILE C 248 25.09 -26.86 -17.93
CA ILE C 248 23.77 -26.66 -17.37
C ILE C 248 23.30 -27.84 -16.53
N ALA C 249 23.61 -29.05 -16.98
CA ALA C 249 23.37 -30.25 -16.18
C ALA C 249 24.14 -30.16 -14.86
N GLU C 250 25.36 -29.65 -14.87
CA GLU C 250 26.08 -29.53 -13.62
C GLU C 250 25.29 -28.64 -12.66
N LEU C 251 24.82 -27.50 -13.16
CA LEU C 251 24.11 -26.54 -12.31
C LEU C 251 22.80 -27.11 -11.87
N ILE C 252 22.08 -27.75 -12.77
CA ILE C 252 20.78 -28.29 -12.40
C ILE C 252 20.82 -29.42 -11.35
N TYR C 253 21.69 -30.42 -11.55
CA TYR C 253 21.75 -31.49 -10.55
C TYR C 253 22.38 -31.04 -9.24
N LYS C 254 23.27 -30.06 -9.33
CA LYS C 254 23.77 -29.48 -8.12
C LYS C 254 22.57 -28.96 -7.29
N GLU C 255 21.73 -28.12 -7.88
CA GLU C 255 20.56 -27.55 -7.23
C GLU C 255 19.61 -28.65 -6.71
N PHE C 256 19.32 -29.65 -7.54
CA PHE C 256 18.40 -30.75 -7.18
C PHE C 256 18.96 -31.58 -6.04
N PHE C 257 20.25 -31.89 -6.10
CA PHE C 257 20.83 -32.70 -5.00
C PHE C 257 20.78 -31.99 -3.63
N SER C 258 20.94 -30.66 -3.57
CA SER C 258 20.73 -29.90 -2.34
C SER C 258 19.30 -30.00 -1.81
N GLN C 259 18.34 -29.73 -2.69
CA GLN C 259 16.96 -29.86 -2.26
C GLN C 259 16.75 -31.27 -1.71
N GLY C 260 17.31 -32.26 -2.41
CA GLY C 260 17.03 -33.65 -2.12
C GLY C 260 17.53 -34.04 -0.75
N ASP C 261 18.65 -33.50 -0.33
CA ASP C 261 19.13 -34.05 0.91
C ASP C 261 18.69 -33.18 2.09
N LEU C 262 18.05 -32.04 1.81
CA LEU C 262 17.18 -31.42 2.81
C LEU C 262 15.92 -32.26 3.00
N GLU C 263 15.46 -32.95 1.95
CA GLU C 263 14.30 -33.83 2.07
C GLU C 263 14.58 -35.05 2.94
N LYS C 264 15.79 -35.60 2.79
CA LYS C 264 16.31 -36.61 3.70
C LYS C 264 16.44 -36.07 5.13
N ALA C 265 17.08 -34.91 5.27
CA ALA C 265 17.24 -34.25 6.58
C ALA C 265 15.95 -33.99 7.34
N MET C 266 14.80 -34.10 6.68
CA MET C 266 13.57 -33.93 7.43
C MET C 266 12.70 -35.19 7.43
N GLY C 267 13.22 -36.28 6.88
CA GLY C 267 12.57 -37.57 7.02
C GLY C 267 11.81 -38.07 5.81
N ASN C 268 11.94 -37.36 4.69
CA ASN C 268 11.27 -37.80 3.47
C ASN C 268 12.21 -38.49 2.52
N ARG C 269 11.63 -39.33 1.66
CA ARG C 269 12.37 -39.87 0.52
C ARG C 269 12.31 -38.88 -0.65
N PRO C 270 13.47 -38.36 -1.07
CA PRO C 270 13.44 -37.48 -2.22
C PRO C 270 13.12 -38.28 -3.48
N MET C 271 12.55 -37.61 -4.50
CA MET C 271 12.46 -38.20 -5.81
C MET C 271 13.83 -38.71 -6.22
N GLU C 272 13.85 -39.71 -7.08
CA GLU C 272 15.07 -40.34 -7.53
C GLU C 272 16.00 -39.32 -8.19
N MET C 273 15.44 -38.39 -8.96
CA MET C 273 16.30 -37.40 -9.60
C MET C 273 16.84 -36.35 -8.64
N MET C 274 16.31 -36.31 -7.42
CA MET C 274 16.82 -35.38 -6.37
C MET C 274 17.82 -36.06 -5.42
N ASP C 275 17.99 -37.37 -5.55
CA ASP C 275 18.80 -38.17 -4.65
C ASP C 275 20.19 -38.46 -5.22
N ARG C 276 21.22 -37.89 -4.61
CA ARG C 276 22.55 -37.99 -5.21
C ARG C 276 23.10 -39.42 -5.16
N GLU C 277 22.41 -40.31 -4.44
CA GLU C 277 22.90 -41.70 -4.33
C GLU C 277 22.27 -42.54 -5.42
N LYS C 278 21.12 -42.12 -5.91
CA LYS C 278 20.36 -42.92 -6.83
C LYS C 278 20.26 -42.32 -8.24
N ALA C 279 20.54 -41.03 -8.39
CA ALA C 279 20.30 -40.35 -9.68
C ALA C 279 21.31 -40.73 -10.74
N TYR C 280 20.85 -41.40 -11.79
CA TYR C 280 21.68 -41.70 -12.95
C TYR C 280 21.48 -40.66 -14.06
N ILE C 281 22.38 -39.70 -14.11
CA ILE C 281 22.16 -38.48 -14.86
C ILE C 281 21.85 -38.62 -16.34
N PRO C 282 22.68 -39.35 -17.10
CA PRO C 282 22.40 -39.56 -18.52
C PRO C 282 21.00 -40.10 -18.82
N GLU C 283 20.54 -41.13 -18.13
CA GLU C 283 19.16 -41.52 -18.36
C GLU C 283 18.19 -40.34 -18.08
N LEU C 284 18.35 -39.64 -16.95
CA LEU C 284 17.38 -38.61 -16.61
C LEU C 284 17.41 -37.51 -17.65
N GLN C 285 18.58 -37.22 -18.18
CA GLN C 285 18.69 -36.16 -19.17
C GLN C 285 18.13 -36.66 -20.50
N ILE C 286 18.51 -37.85 -20.95
CA ILE C 286 17.92 -38.37 -22.16
C ILE C 286 16.40 -38.26 -22.10
N SER C 287 15.84 -38.73 -21.00
CA SER C 287 14.40 -38.72 -20.80
C SER C 287 13.80 -37.30 -20.72
N PHE C 288 14.49 -36.38 -20.05
CA PHE C 288 13.95 -35.05 -19.97
C PHE C 288 13.94 -34.43 -21.39
N MET C 289 15.00 -34.65 -22.13
CA MET C 289 15.08 -34.09 -23.46
C MET C 289 14.06 -34.66 -24.46
N GLU C 290 13.81 -35.96 -24.41
CA GLU C 290 12.88 -36.56 -25.32
C GLU C 290 11.44 -36.25 -25.01
N HIS C 291 11.04 -36.18 -23.74
CA HIS C 291 9.61 -36.01 -23.46
C HIS C 291 9.14 -34.67 -22.97
N ILE C 292 10.04 -33.71 -22.84
CA ILE C 292 9.69 -32.33 -22.51
C ILE C 292 10.33 -31.34 -23.50
N ALA C 293 11.67 -31.30 -23.57
CA ALA C 293 12.36 -30.27 -24.38
C ALA C 293 12.04 -30.38 -25.86
N MET C 294 12.47 -31.50 -26.46
CA MET C 294 12.23 -31.78 -27.86
C MET C 294 10.83 -31.47 -28.38
N PRO C 295 9.76 -31.99 -27.74
CA PRO C 295 8.36 -31.73 -28.18
C PRO C 295 8.04 -30.23 -28.26
N ILE C 296 8.32 -29.52 -27.18
CA ILE C 296 8.24 -28.08 -27.18
C ILE C 296 8.93 -27.43 -28.38
N TYR C 297 10.10 -27.93 -28.78
CA TYR C 297 10.73 -27.39 -29.97
C TYR C 297 10.15 -27.87 -31.29
N LYS C 298 9.49 -29.02 -31.32
CA LYS C 298 8.90 -29.45 -32.58
C LYS C 298 7.65 -28.62 -32.82
N LEU C 299 6.89 -28.32 -31.77
CA LEU C 299 5.83 -27.33 -31.87
C LEU C 299 6.42 -26.01 -32.39
N LEU C 300 7.53 -25.57 -31.84
CA LEU C 300 8.00 -24.29 -32.32
C LEU C 300 8.30 -24.32 -33.82
N GLN C 301 8.89 -25.39 -34.31
CA GLN C 301 9.34 -25.38 -35.69
C GLN C 301 8.15 -25.52 -36.61
N ASP C 302 7.10 -26.18 -36.13
CA ASP C 302 5.91 -26.36 -36.94
C ASP C 302 5.27 -25.03 -37.24
N LEU C 303 5.29 -24.14 -36.27
CA LEU C 303 4.72 -22.82 -36.45
C LEU C 303 5.73 -21.90 -37.13
N PHE C 304 7.02 -22.15 -36.94
CA PHE C 304 8.03 -21.27 -37.53
C PHE C 304 9.14 -22.05 -38.16
N PRO C 305 9.06 -22.28 -39.46
CA PRO C 305 10.05 -23.12 -40.08
C PRO C 305 11.50 -22.66 -39.84
N LYS C 306 11.72 -21.37 -39.63
CA LYS C 306 13.10 -20.93 -39.39
C LYS C 306 13.60 -21.25 -37.95
N ALA C 307 12.77 -21.98 -37.19
CA ALA C 307 13.14 -22.53 -35.88
C ALA C 307 13.59 -24.00 -35.96
N ALA C 308 13.63 -24.52 -37.18
CA ALA C 308 14.12 -25.87 -37.46
C ALA C 308 15.45 -26.16 -36.79
N GLU C 309 16.37 -25.21 -36.88
CA GLU C 309 17.68 -25.43 -36.37
C GLU C 309 17.76 -25.49 -34.83
N LEU C 310 16.66 -25.17 -34.15
CA LEU C 310 16.64 -25.23 -32.69
C LEU C 310 16.30 -26.63 -32.30
N TYR C 311 15.30 -27.15 -32.99
CA TYR C 311 14.95 -28.52 -32.78
C TYR C 311 16.13 -29.45 -33.13
N GLU C 312 16.83 -29.21 -34.22
CA GLU C 312 17.91 -30.14 -34.58
C GLU C 312 18.99 -30.06 -33.51
N ARG C 313 19.27 -28.86 -33.04
CA ARG C 313 20.29 -28.71 -32.01
C ARG C 313 19.91 -29.42 -30.71
N VAL C 314 18.65 -29.41 -30.34
CA VAL C 314 18.20 -30.12 -29.15
C VAL C 314 18.25 -31.63 -29.35
N ALA C 315 17.75 -32.13 -30.48
CA ALA C 315 17.77 -33.58 -30.70
C ALA C 315 19.20 -34.06 -30.64
N SER C 316 20.08 -33.21 -31.13
CA SER C 316 21.50 -33.49 -31.21
C SER C 316 22.15 -33.51 -29.82
N ASN C 317 21.70 -32.64 -28.91
CA ASN C 317 22.24 -32.68 -27.55
C ASN C 317 21.74 -33.91 -26.84
N ARG C 318 20.57 -34.36 -27.22
CA ARG C 318 20.06 -35.58 -26.67
C ARG C 318 20.90 -36.79 -27.12
N GLU C 319 21.42 -36.77 -28.33
CA GLU C 319 22.20 -37.93 -28.77
C GLU C 319 23.49 -37.95 -28.01
N HIS C 320 24.04 -36.78 -27.72
CA HIS C 320 25.32 -36.81 -27.05
C HIS C 320 25.27 -37.42 -25.66
N TRP C 321 24.14 -37.33 -24.96
CA TRP C 321 24.01 -38.04 -23.69
C TRP C 321 24.11 -39.52 -23.94
N THR C 322 23.65 -39.98 -25.10
CA THR C 322 23.67 -41.41 -25.35
C THR C 322 25.10 -41.87 -25.54
N LYS C 323 25.90 -41.09 -26.22
CA LYS C 323 27.23 -41.58 -26.56
C LYS C 323 28.23 -41.36 -25.44
N VAL C 324 27.80 -40.75 -24.35
CA VAL C 324 28.71 -40.65 -23.23
C VAL C 324 28.21 -41.42 -21.98
N SER C 325 27.12 -42.17 -22.13
CA SER C 325 26.65 -42.97 -21.02
C SER C 325 27.78 -43.79 -20.47
N HIS C 326 28.49 -44.50 -21.35
CA HIS C 326 29.45 -45.52 -20.89
C HIS C 326 30.53 -44.96 -19.97
N LYS C 327 30.78 -43.66 -20.05
CA LYS C 327 31.83 -43.05 -19.26
C LYS C 327 31.44 -42.85 -17.82
N PHE C 328 30.21 -43.17 -17.47
CA PHE C 328 29.74 -43.14 -16.09
C PHE C 328 29.92 -44.53 -15.45
N THR C 329 30.48 -45.46 -16.21
CA THR C 329 30.90 -46.75 -15.69
C THR C 329 32.28 -46.54 -15.05
N ILE C 330 32.38 -46.85 -13.76
CA ILE C 330 33.65 -46.72 -13.06
C ILE C 330 34.65 -47.77 -13.55
N ARG C 331 35.67 -47.31 -14.26
CA ARG C 331 36.83 -48.10 -14.59
C ARG C 331 37.89 -47.86 -13.54
N GLY C 332 38.67 -48.88 -13.21
CA GLY C 332 39.67 -48.74 -12.17
C GLY C 332 39.07 -48.50 -10.79
N LEU C 333 39.78 -47.79 -9.94
CA LEU C 333 39.32 -47.60 -8.58
C LEU C 333 38.65 -46.26 -8.38
N PRO C 334 37.63 -46.22 -7.52
CA PRO C 334 37.10 -44.93 -7.22
C PRO C 334 38.19 -43.89 -7.42
N SER C 335 37.77 -42.64 -7.34
CA SER C 335 38.61 -41.47 -7.44
C SER C 335 39.43 -41.40 -6.19
N ASN C 336 38.78 -41.81 -5.10
CA ASN C 336 39.37 -41.78 -3.76
C ASN C 336 40.35 -42.94 -3.46
N ASN C 337 40.38 -43.92 -4.37
CA ASN C 337 41.20 -45.16 -4.23
C ASN C 337 40.62 -46.22 -3.33
N SER C 338 39.74 -45.82 -2.45
CA SER C 338 39.16 -46.78 -1.57
C SER C 338 38.07 -47.50 -2.36
N LEU C 339 37.75 -48.71 -1.90
CA LEU C 339 36.53 -49.39 -2.33
C LEU C 339 35.48 -49.37 -1.21
N ASP C 340 35.54 -48.35 -0.35
CA ASP C 340 34.70 -48.26 0.87
C ASP C 340 33.18 -48.23 0.71
N PHE C 341 32.69 -47.46 -0.25
CA PHE C 341 31.29 -47.59 -0.64
C PHE C 341 31.05 -49.12 -0.72
N LEU C 342 30.65 -49.69 0.41
CA LEU C 342 30.57 -51.14 0.60
C LEU C 342 29.59 -51.83 -0.35
C4 7Y4 D . -22.17 -9.43 5.64
C7 7Y4 D . -23.29 -4.17 7.11
C6 7Y4 D . -25.49 -3.09 8.06
C9 7Y4 D . -21.09 -5.04 6.02
C13 7Y4 D . -23.61 -4.14 8.46
C20 7Y4 D . -18.83 -6.51 3.62
C21 7Y4 D . -22.42 -4.98 10.56
C8 7Y4 D . -20.73 -7.55 5.74
C18 7Y4 D . -24.62 -5.05 3.00
C16 7Y4 D . -25.13 -2.99 4.07
C19 7Y4 D . -21.37 -12.53 5.34
C1 7Y4 D . -19.76 -8.31 6.37
C2 7Y4 D . -21.93 -8.11 5.37
C3 7Y4 D . -20.00 -9.65 6.63
C5 7Y4 D . -20.47 -3.96 5.34
C10 7Y4 D . -21.21 -10.20 6.26
C11 7Y4 D . -22.02 -4.84 7.10
C12 7Y4 D . -20.53 -6.17 5.46
C14 7Y4 D . -24.21 -3.62 6.20
C15 7Y4 D . -25.16 -3.67 2.71
C17 7Y4 D . -23.70 -4.90 4.23
C22 7Y4 D . -23.16 -6.85 2.08
C23 7Y4 D . -24.73 -5.68 0.60
C24 7Y4 D . -21.53 -11.64 6.54
N25 7Y4 D . -19.59 -4.39 4.42
N26 7Y4 D . -24.70 -3.61 9.01
N27 7Y4 D . -25.32 -3.07 6.74
N28 7Y4 D . -21.61 -5.17 8.31
N29 7Y4 D . -19.66 -5.72 4.50
N30 7Y4 D . -22.60 -4.77 9.13
N31 7Y4 D . -24.01 -3.58 4.79
N32 7Y4 D . -23.88 -5.57 1.82
ZN ZN E . -15.40 -7.37 9.32
MG MG F . -14.23 -8.07 5.90
C4 7Y4 G . 2.03 29.98 0.06
C7 7Y4 G . -2.09 35.04 0.30
C6 7Y4 G . -4.58 35.83 0.68
C9 7Y4 G . 0.39 34.50 -0.20
C13 7Y4 G . -2.79 34.91 1.48
C20 7Y4 G . 3.32 33.70 -2.10
C21 7Y4 G . -2.34 34.05 3.73
C8 7Y4 G . 1.21 32.09 -0.73
C18 7Y4 G . -2.24 34.69 -4.04
C16 7Y4 G . -3.35 36.42 -2.82
C19 7Y4 G . 0.30 27.27 0.25
C1 7Y4 G . 0.34 31.46 -1.57
C2 7Y4 G . 2.05 31.36 0.08
C3 7Y4 G . 0.31 30.09 -1.61
C5 7Y4 G . 0.98 35.73 -0.58
C10 7Y4 G . 1.15 29.36 -0.80
C11 7Y4 G . -0.80 34.49 0.61
C12 7Y4 G . 1.22 33.54 -0.72
C14 7Y4 G . -2.78 35.62 -0.75
C15 7Y4 G . -3.12 35.89 -4.21
C17 7Y4 G . -1.76 34.66 -2.61
C22 7Y4 G . -0.08 33.70 -4.69
C23 7Y4 G . -1.65 34.52 -6.34
C24 7Y4 G . 1.10 27.85 -0.89
N25 7Y4 G . 2.10 35.59 -1.31
N26 7Y4 G . -4.02 35.29 1.75
N27 7Y4 G . -4.04 35.99 -0.51
N28 7Y4 G . -0.73 34.07 1.89
N29 7Y4 G . 2.18 34.25 -1.37
N30 7Y4 G . -1.97 34.31 2.37
N31 7Y4 G . -2.27 35.86 -2.02
N32 7Y4 G . -1.09 34.76 -4.98
ZN ZN H . 5.27 32.39 4.16
MG MG I . 7.33 32.30 0.95
C4 7Y4 J . 10.60 -25.06 -17.63
C7 7Y4 J . 15.86 -28.50 -16.73
C6 7Y4 J . 17.67 -29.94 -17.94
C9 7Y4 J . 14.22 -27.08 -15.26
C13 7Y4 J . 16.71 -28.02 -17.71
C20 7Y4 J . 11.39 -26.13 -13.25
C21 7Y4 J . 17.09 -25.75 -18.81
C8 7Y4 J . 11.96 -26.40 -16.25
C18 7Y4 J . 13.06 -31.51 -15.19
C16 7Y4 J . 15.32 -31.99 -15.63
C19 7Y4 J . 7.80 -26.43 -19.19
C1 7Y4 J . 11.55 -27.51 -16.94
C2 7Y4 J . 11.48 -25.16 -16.59
C3 7Y4 J . 10.67 -27.40 -17.98
C5 7Y4 J . 14.65 -27.17 -13.92
C10 7Y4 J . 10.19 -26.17 -18.34
C11 7Y4 J . 15.12 -27.33 -16.36
C12 7Y4 J . 12.91 -26.65 -15.19
C14 7Y4 J . 15.95 -29.85 -16.39
C15 7Y4 J . 14.10 -32.56 -14.92
C17 7Y4 J . 13.79 -30.18 -15.29
C22 7Y4 J . 11.10 -30.33 -14.29
C23 7Y4 J . 11.23 -32.80 -14.14
C24 7Y4 J . 9.24 -26.08 -19.50
N25 7Y4 J . 13.69 -26.86 -13.06
N26 7Y4 J . 17.65 -28.68 -18.37
N27 7Y4 J . 16.90 -30.54 -17.05
N28 7Y4 J . 15.49 -26.25 -17.08
N29 7Y4 J . 12.65 -26.56 -13.85
N30 7Y4 J . 16.42 -26.70 -17.92
N31 7Y4 J . 15.20 -30.56 -15.41
N32 7Y4 J . 11.99 -31.51 -14.16
ZN ZN K . 13.15 -20.28 -15.33
MG MG L . 10.41 -21.06 -13.06
#